data_458D
# 
_entry.id   458D 
# 
_audit_conform.dict_name       mmcif_pdbx.dic 
_audit_conform.dict_version    5.387 
_audit_conform.dict_location   http://mmcif.pdb.org/dictionaries/ascii/mmcif_pdbx.dic 
# 
loop_
_database_2.database_id 
_database_2.database_code 
_database_2.pdbx_database_accession 
_database_2.pdbx_DOI 
PDB   458D         pdb_0000458d 10.2210/pdb458d/pdb 
RCSB  BD0011       ?            ?                   
WWPDB D_1000179239 ?            ?                   
# 
loop_
_pdbx_audit_revision_history.ordinal 
_pdbx_audit_revision_history.data_content_type 
_pdbx_audit_revision_history.major_revision 
_pdbx_audit_revision_history.minor_revision 
_pdbx_audit_revision_history.revision_date 
1 'Structure model' 1 0 1999-06-28 
2 'Structure model' 1 1 2008-05-22 
3 'Structure model' 1 2 2011-07-13 
4 'Structure model' 1 3 2024-02-28 
# 
_pdbx_audit_revision_details.ordinal             1 
_pdbx_audit_revision_details.revision_ordinal    1 
_pdbx_audit_revision_details.data_content_type   'Structure model' 
_pdbx_audit_revision_details.provider            repository 
_pdbx_audit_revision_details.type                'Initial release' 
_pdbx_audit_revision_details.description         ? 
_pdbx_audit_revision_details.details             ? 
# 
loop_
_pdbx_audit_revision_group.ordinal 
_pdbx_audit_revision_group.revision_ordinal 
_pdbx_audit_revision_group.data_content_type 
_pdbx_audit_revision_group.group 
1 2 'Structure model' 'Version format compliance' 
2 3 'Structure model' 'Version format compliance' 
3 4 'Structure model' 'Data collection'           
4 4 'Structure model' 'Database references'       
5 4 'Structure model' 'Derived calculations'      
# 
loop_
_pdbx_audit_revision_category.ordinal 
_pdbx_audit_revision_category.revision_ordinal 
_pdbx_audit_revision_category.data_content_type 
_pdbx_audit_revision_category.category 
1 4 'Structure model' chem_comp_atom 
2 4 'Structure model' chem_comp_bond 
3 4 'Structure model' database_2     
4 4 'Structure model' struct_conn    
# 
loop_
_pdbx_audit_revision_item.ordinal 
_pdbx_audit_revision_item.revision_ordinal 
_pdbx_audit_revision_item.data_content_type 
_pdbx_audit_revision_item.item 
1 4 'Structure model' '_database_2.pdbx_DOI'                
2 4 'Structure model' '_database_2.pdbx_database_accession' 
3 4 'Structure model' '_struct_conn.pdbx_leaving_atom_flag' 
# 
_pdbx_database_status.status_code                     REL 
_pdbx_database_status.entry_id                        458D 
_pdbx_database_status.recvd_initial_deposition_date   1999-03-10 
_pdbx_database_status.deposit_site                    NDB 
_pdbx_database_status.process_site                    NDB 
_pdbx_database_status.status_code_sf                  REL 
_pdbx_database_status.status_code_mr                  ? 
_pdbx_database_status.SG_entry                        ? 
_pdbx_database_status.pdb_format_compatible           Y 
_pdbx_database_status.status_code_cs                  ? 
_pdbx_database_status.status_code_nmr_data            ? 
_pdbx_database_status.methods_development_category    ? 
# 
loop_
_audit_author.name 
_audit_author.pdbx_ordinal 
'Aymami, J.' 1 
'Nunn, C.M.' 2 
'Neidle, S.' 3 
# 
_citation.id                        primary 
_citation.title                     
'DNA minor groove recognition of a non-self-complementary AT-rich sequence by a tris-benzimidazole ligand.' 
_citation.journal_abbrev            'Nucleic Acids Res.' 
_citation.journal_volume            27 
_citation.page_first                2691 
_citation.page_last                 2698 
_citation.year                      1999 
_citation.journal_id_ASTM           NARHAD 
_citation.country                   UK 
_citation.journal_id_ISSN           0305-1048 
_citation.journal_id_CSD            0389 
_citation.book_publisher            ? 
_citation.pdbx_database_id_PubMed   10373586 
_citation.pdbx_database_id_DOI      10.1093/nar/27.13.2691 
# 
loop_
_citation_author.citation_id 
_citation_author.name 
_citation_author.ordinal 
_citation_author.identifier_ORCID 
primary 'Aymami, J.' 1 ? 
primary 'Nunn, C.M.' 2 ? 
primary 'Neidle, S.' 3 ? 
# 
loop_
_entity.id 
_entity.type 
_entity.src_method 
_entity.pdbx_description 
_entity.formula_weight 
_entity.pdbx_number_of_molecules 
_entity.pdbx_ec 
_entity.pdbx_mutation 
_entity.pdbx_fragment 
_entity.details 
1 polymer syn 
;DNA (5'-D(*CP*GP*(CBR)P*AP*TP*AP*TP*TP*TP*GP*CP*G)-3')
;
3732.286 1   ? ? ? ? 
2 polymer syn 
;DNA (5'-D(*CP*GP*CP*AP*AP*AP*TP*AP*TP*GP*CP*G)-3')
;
3671.418 1   ? ? ? ? 
3 water   nat water                                                    18.015   105 ? ? ? ? 
# 
loop_
_entity_poly.entity_id 
_entity_poly.type 
_entity_poly.nstd_linkage 
_entity_poly.nstd_monomer 
_entity_poly.pdbx_seq_one_letter_code 
_entity_poly.pdbx_seq_one_letter_code_can 
_entity_poly.pdbx_strand_id 
_entity_poly.pdbx_target_identifier 
1 polydeoxyribonucleotide no yes '(DC)(DG)(CBR)(DA)(DT)(DA)(DT)(DT)(DT)(DG)(DC)(DG)' CGCATATTTGCG A ? 
2 polydeoxyribonucleotide no no  '(DC)(DG)(DC)(DA)(DA)(DA)(DT)(DA)(DT)(DG)(DC)(DG)'  CGCAAATATGCG B ? 
# 
_pdbx_entity_nonpoly.entity_id   3 
_pdbx_entity_nonpoly.name        water 
_pdbx_entity_nonpoly.comp_id     HOH 
# 
loop_
_entity_poly_seq.entity_id 
_entity_poly_seq.num 
_entity_poly_seq.mon_id 
_entity_poly_seq.hetero 
1 1  DC  n 
1 2  DG  n 
1 3  CBR n 
1 4  DA  n 
1 5  DT  n 
1 6  DA  n 
1 7  DT  n 
1 8  DT  n 
1 9  DT  n 
1 10 DG  n 
1 11 DC  n 
1 12 DG  n 
2 1  DC  n 
2 2  DG  n 
2 3  DC  n 
2 4  DA  n 
2 5  DA  n 
2 6  DA  n 
2 7  DT  n 
2 8  DA  n 
2 9  DT  n 
2 10 DG  n 
2 11 DC  n 
2 12 DG  n 
# 
loop_
_chem_comp.id 
_chem_comp.type 
_chem_comp.mon_nstd_flag 
_chem_comp.name 
_chem_comp.pdbx_synonyms 
_chem_comp.formula 
_chem_comp.formula_weight 
CBR 'DNA linking' n "5-BROMO-2'-DEOXY-CYTIDINE-5'-MONOPHOSPHATE" ? 'C9 H13 Br N3 O7 P' 386.093 
DA  'DNA linking' y "2'-DEOXYADENOSINE-5'-MONOPHOSPHATE"         ? 'C10 H14 N5 O6 P'   331.222 
DC  'DNA linking' y "2'-DEOXYCYTIDINE-5'-MONOPHOSPHATE"          ? 'C9 H14 N3 O7 P'    307.197 
DG  'DNA linking' y "2'-DEOXYGUANOSINE-5'-MONOPHOSPHATE"         ? 'C10 H14 N5 O7 P'   347.221 
DT  'DNA linking' y "THYMIDINE-5'-MONOPHOSPHATE"                 ? 'C10 H15 N2 O8 P'   322.208 
HOH non-polymer   . WATER                                        ? 'H2 O'              18.015  
# 
loop_
_pdbx_poly_seq_scheme.asym_id 
_pdbx_poly_seq_scheme.entity_id 
_pdbx_poly_seq_scheme.seq_id 
_pdbx_poly_seq_scheme.mon_id 
_pdbx_poly_seq_scheme.ndb_seq_num 
_pdbx_poly_seq_scheme.pdb_seq_num 
_pdbx_poly_seq_scheme.auth_seq_num 
_pdbx_poly_seq_scheme.pdb_mon_id 
_pdbx_poly_seq_scheme.auth_mon_id 
_pdbx_poly_seq_scheme.pdb_strand_id 
_pdbx_poly_seq_scheme.pdb_ins_code 
_pdbx_poly_seq_scheme.hetero 
A 1 1  DC  1  1  1  DC  C   A . n 
A 1 2  DG  2  2  2  DG  G   A . n 
A 1 3  CBR 3  3  3  CBR BRO A . n 
A 1 4  DA  4  4  4  DA  A   A . n 
A 1 5  DT  5  5  5  DT  T   A . n 
A 1 6  DA  6  6  6  DA  A   A . n 
A 1 7  DT  7  7  7  DT  T   A . n 
A 1 8  DT  8  8  8  DT  T   A . n 
A 1 9  DT  9  9  9  DT  T   A . n 
A 1 10 DG  10 10 10 DG  G   A . n 
A 1 11 DC  11 11 11 DC  C   A . n 
A 1 12 DG  12 12 12 DG  G   A . n 
B 2 1  DC  1  13 13 DC  C   B . n 
B 2 2  DG  2  14 14 DG  G   B . n 
B 2 3  DC  3  15 15 DC  C   B . n 
B 2 4  DA  4  16 16 DA  A   B . n 
B 2 5  DA  5  17 17 DA  A   B . n 
B 2 6  DA  6  18 18 DA  A   B . n 
B 2 7  DT  7  19 19 DT  T   B . n 
B 2 8  DA  8  20 20 DA  A   B . n 
B 2 9  DT  9  21 21 DT  T   B . n 
B 2 10 DG  10 22 22 DG  G   B . n 
B 2 11 DC  11 23 23 DC  C   B . n 
B 2 12 DG  12 24 24 DG  G   B . n 
# 
loop_
_pdbx_nonpoly_scheme.asym_id 
_pdbx_nonpoly_scheme.entity_id 
_pdbx_nonpoly_scheme.mon_id 
_pdbx_nonpoly_scheme.ndb_seq_num 
_pdbx_nonpoly_scheme.pdb_seq_num 
_pdbx_nonpoly_scheme.auth_seq_num 
_pdbx_nonpoly_scheme.pdb_mon_id 
_pdbx_nonpoly_scheme.auth_mon_id 
_pdbx_nonpoly_scheme.pdb_strand_id 
_pdbx_nonpoly_scheme.pdb_ins_code 
C 3 HOH 1  1001 1001 HOH HOH A . 
C 3 HOH 2  1002 1002 HOH HOH A . 
C 3 HOH 3  1003 1003 HOH HOH A . 
C 3 HOH 4  1006 1006 HOH HOH A . 
C 3 HOH 5  1007 1007 HOH HOH A . 
C 3 HOH 6  1009 1009 HOH HOH A . 
C 3 HOH 7  1011 1011 HOH HOH A . 
C 3 HOH 8  1012 1012 HOH HOH A . 
C 3 HOH 9  1013 1013 HOH HOH A . 
C 3 HOH 10 1015 1015 HOH HOH A . 
C 3 HOH 11 1023 1023 HOH HOH A . 
C 3 HOH 12 1024 1024 HOH HOH A . 
C 3 HOH 13 1025 1025 HOH HOH A . 
C 3 HOH 14 1027 1027 HOH HOH A . 
C 3 HOH 15 1032 1032 HOH HOH A . 
C 3 HOH 16 1036 1036 HOH HOH A . 
C 3 HOH 17 1040 1040 HOH HOH A . 
C 3 HOH 18 1043 1043 HOH HOH A . 
C 3 HOH 19 1044 1044 HOH HOH A . 
C 3 HOH 20 1048 1048 HOH HOH A . 
C 3 HOH 21 1050 1050 HOH HOH A . 
C 3 HOH 22 1052 1052 HOH HOH A . 
C 3 HOH 23 1053 1053 HOH HOH A . 
C 3 HOH 24 1055 1055 HOH HOH A . 
C 3 HOH 25 1056 1056 HOH HOH A . 
C 3 HOH 26 1057 1057 HOH HOH A . 
C 3 HOH 27 1058 1058 HOH HOH A . 
C 3 HOH 28 1060 1060 HOH HOH A . 
C 3 HOH 29 1063 1063 HOH HOH A . 
C 3 HOH 30 1065 1065 HOH HOH A . 
C 3 HOH 31 1066 1066 HOH HOH A . 
C 3 HOH 32 1072 1072 HOH HOH A . 
C 3 HOH 33 1075 1075 HOH HOH A . 
C 3 HOH 34 1076 1076 HOH HOH A . 
C 3 HOH 35 1078 1078 HOH HOH A . 
C 3 HOH 36 1079 1079 HOH HOH A . 
C 3 HOH 37 1081 1081 HOH HOH A . 
C 3 HOH 38 1082 1082 HOH HOH A . 
C 3 HOH 39 1083 1083 HOH HOH A . 
C 3 HOH 40 1084 1084 HOH HOH A . 
C 3 HOH 41 1087 1087 HOH HOH A . 
C 3 HOH 42 1090 1090 HOH HOH A . 
C 3 HOH 43 1092 1092 HOH HOH A . 
C 3 HOH 44 1093 1093 HOH HOH A . 
C 3 HOH 45 1094 1094 HOH HOH A . 
C 3 HOH 46 1095 1095 HOH HOH A . 
C 3 HOH 47 1096 1096 HOH HOH A . 
C 3 HOH 48 1098 1098 HOH HOH A . 
C 3 HOH 49 1102 1102 HOH HOH A . 
C 3 HOH 50 1105 1105 HOH HOH A . 
D 3 HOH 1  1004 1004 HOH HOH B . 
D 3 HOH 2  1005 1005 HOH HOH B . 
D 3 HOH 3  1008 1008 HOH HOH B . 
D 3 HOH 4  1010 1010 HOH HOH B . 
D 3 HOH 5  1014 1014 HOH HOH B . 
D 3 HOH 6  1016 1016 HOH HOH B . 
D 3 HOH 7  1017 1017 HOH HOH B . 
D 3 HOH 8  1018 1018 HOH HOH B . 
D 3 HOH 9  1019 1019 HOH HOH B . 
D 3 HOH 10 1020 1020 HOH HOH B . 
D 3 HOH 11 1021 1021 HOH HOH B . 
D 3 HOH 12 1022 1022 HOH HOH B . 
D 3 HOH 13 1026 1026 HOH HOH B . 
D 3 HOH 14 1028 1028 HOH HOH B . 
D 3 HOH 15 1029 1029 HOH HOH B . 
D 3 HOH 16 1030 1030 HOH HOH B . 
D 3 HOH 17 1031 1031 HOH HOH B . 
D 3 HOH 18 1033 1033 HOH HOH B . 
D 3 HOH 19 1034 1034 HOH HOH B . 
D 3 HOH 20 1035 1035 HOH HOH B . 
D 3 HOH 21 1037 1037 HOH HOH B . 
D 3 HOH 22 1038 1038 HOH HOH B . 
D 3 HOH 23 1039 1039 HOH HOH B . 
D 3 HOH 24 1041 1041 HOH HOH B . 
D 3 HOH 25 1042 1042 HOH HOH B . 
D 3 HOH 26 1045 1045 HOH HOH B . 
D 3 HOH 27 1046 1046 HOH HOH B . 
D 3 HOH 28 1047 1047 HOH HOH B . 
D 3 HOH 29 1049 1049 HOH HOH B . 
D 3 HOH 30 1051 1051 HOH HOH B . 
D 3 HOH 31 1054 1054 HOH HOH B . 
D 3 HOH 32 1059 1059 HOH HOH B . 
D 3 HOH 33 1061 1061 HOH HOH B . 
D 3 HOH 34 1062 1062 HOH HOH B . 
D 3 HOH 35 1064 1064 HOH HOH B . 
D 3 HOH 36 1067 1067 HOH HOH B . 
D 3 HOH 37 1068 1068 HOH HOH B . 
D 3 HOH 38 1069 1069 HOH HOH B . 
D 3 HOH 39 1070 1070 HOH HOH B . 
D 3 HOH 40 1071 1071 HOH HOH B . 
D 3 HOH 41 1073 1073 HOH HOH B . 
D 3 HOH 42 1074 1074 HOH HOH B . 
D 3 HOH 43 1077 1077 HOH HOH B . 
D 3 HOH 44 1080 1080 HOH HOH B . 
D 3 HOH 45 1085 1085 HOH HOH B . 
D 3 HOH 46 1086 1086 HOH HOH B . 
D 3 HOH 47 1088 1088 HOH HOH B . 
D 3 HOH 48 1089 1089 HOH HOH B . 
D 3 HOH 49 1091 1091 HOH HOH B . 
D 3 HOH 50 1097 1097 HOH HOH B . 
D 3 HOH 51 1099 1099 HOH HOH B . 
D 3 HOH 52 1100 1100 HOH HOH B . 
D 3 HOH 53 1101 1101 HOH HOH B . 
D 3 HOH 54 1103 1103 HOH HOH B . 
D 3 HOH 55 1104 1104 HOH HOH B . 
# 
loop_
_software.name 
_software.classification 
_software.version 
_software.citation_id 
_software.pdbx_ordinal 
SHELXL-97 refinement       . ? 1 
DENZO     'data reduction' . ? 2 
SCALEPACK 'data scaling'   . ? 3 
# 
_cell.entry_id           458D 
_cell.length_a           25.190 
_cell.length_b           40.580 
_cell.length_c           66.010 
_cell.angle_alpha        90.00 
_cell.angle_beta         90.00 
_cell.angle_gamma        90.00 
_cell.Z_PDB              4 
_cell.pdbx_unique_axis   ? 
# 
_symmetry.entry_id                         458D 
_symmetry.space_group_name_H-M             'P 21 21 21' 
_symmetry.pdbx_full_space_group_name_H-M   ? 
_symmetry.cell_setting                     orthorhombic 
_symmetry.Int_Tables_number                19 
# 
_exptl.entry_id          458D 
_exptl.method            'X-RAY DIFFRACTION' 
_exptl.crystals_number   1 
# 
_exptl_crystal.id                    1 
_exptl_crystal.density_meas          ? 
_exptl_crystal.density_Matthews      2.28 
_exptl_crystal.density_percent_sol   46.02 
_exptl_crystal.description           ? 
# 
_exptl_crystal_grow.crystal_id      1 
_exptl_crystal_grow.method          ? 
_exptl_crystal_grow.temp            ? 
_exptl_crystal_grow.temp_details    ? 
_exptl_crystal_grow.pH              6.5 
_exptl_crystal_grow.pdbx_details    'pH 6.5' 
_exptl_crystal_grow.pdbx_pH_range   ? 
# 
_diffrn.id                     1 
_diffrn.ambient_temp           288.0 
_diffrn.ambient_temp_details   ? 
_diffrn.crystal_id             1 
# 
_diffrn_detector.diffrn_id              1 
_diffrn_detector.detector               'IMAGE PLATE' 
_diffrn_detector.type                   'RIGAKU RAXIS IV' 
_diffrn_detector.pdbx_collection_date   ? 
_diffrn_detector.details                ? 
# 
_diffrn_radiation.diffrn_id                        1 
_diffrn_radiation.wavelength_id                    1 
_diffrn_radiation.pdbx_monochromatic_or_laue_m_l   M 
_diffrn_radiation.monochromator                    'DOUBLE FOCUSSING MIRROR SYSTEM' 
_diffrn_radiation.pdbx_diffrn_protocol             'SINGLE WAVELENGTH' 
_diffrn_radiation.pdbx_scattering_type             x-ray 
# 
_diffrn_radiation_wavelength.id           1 
_diffrn_radiation_wavelength.wavelength   1.5418 
_diffrn_radiation_wavelength.wt           1.0 
# 
_diffrn_source.diffrn_id                   1 
_diffrn_source.source                      'ROTATING ANODE' 
_diffrn_source.type                        RIGAKU 
_diffrn_source.pdbx_synchrotron_site       ? 
_diffrn_source.pdbx_synchrotron_beamline   ? 
_diffrn_source.pdbx_wavelength             1.5418 
_diffrn_source.pdbx_wavelength_list        ? 
# 
_reflns.entry_id                     458D 
_reflns.observed_criterion_sigma_I   0.0 
_reflns.observed_criterion_sigma_F   ? 
_reflns.d_resolution_low             ? 
_reflns.d_resolution_high            2.2 
_reflns.number_obs                   3508 
_reflns.number_all                   ? 
_reflns.percent_possible_obs         94.1 
_reflns.pdbx_Rmerge_I_obs            0.067 
_reflns.pdbx_Rsym_value              ? 
_reflns.pdbx_netI_over_sigmaI        ? 
_reflns.B_iso_Wilson_estimate        ? 
_reflns.pdbx_redundancy              ? 
_reflns.pdbx_diffrn_id               1 
_reflns.pdbx_ordinal                 1 
# 
_refine.entry_id                                 458D 
_refine.ls_number_reflns_obs                     ? 
_refine.ls_number_reflns_all                     2756 
_refine.pdbx_ls_sigma_I                          ? 
_refine.pdbx_ls_sigma_F                          4.0 
_refine.pdbx_data_cutoff_high_absF               ? 
_refine.pdbx_data_cutoff_low_absF                ? 
_refine.pdbx_data_cutoff_high_rms_absF           ? 
_refine.ls_d_res_low                             8.0 
_refine.ls_d_res_high                            2.3 
_refine.ls_percent_reflns_obs                    ? 
_refine.ls_R_factor_obs                          ? 
_refine.ls_R_factor_all                          0.207 
_refine.ls_R_factor_R_work                       ? 
_refine.ls_R_factor_R_free                       0.303 
_refine.ls_R_factor_R_free_error                 ? 
_refine.ls_R_factor_R_free_error_details         ? 
_refine.ls_percent_reflns_R_free                 10.0 
_refine.ls_number_reflns_R_free                  210 
_refine.ls_number_parameters                     ? 
_refine.ls_number_restraints                     ? 
_refine.occupancy_min                            ? 
_refine.occupancy_max                            ? 
_refine.B_iso_mean                               ? 
_refine.aniso_B[1][1]                            ? 
_refine.aniso_B[2][2]                            ? 
_refine.aniso_B[3][3]                            ? 
_refine.aniso_B[1][2]                            ? 
_refine.aniso_B[1][3]                            ? 
_refine.aniso_B[2][3]                            ? 
_refine.solvent_model_details                    ? 
_refine.solvent_model_param_ksol                 ? 
_refine.solvent_model_param_bsol                 ? 
_refine.pdbx_ls_cross_valid_method               THROUGHOUT 
_refine.details                                  ? 
_refine.pdbx_starting_model                      ? 
_refine.pdbx_method_to_determine_struct          ? 
_refine.pdbx_isotropic_thermal_model             ? 
_refine.pdbx_stereochemistry_target_values       ? 
_refine.pdbx_stereochem_target_val_spec_case     ? 
_refine.pdbx_R_Free_selection_details            RANDOM 
_refine.pdbx_overall_ESU_R                       ? 
_refine.pdbx_overall_ESU_R_Free                  ? 
_refine.overall_SU_ML                            ? 
_refine.overall_SU_B                             ? 
_refine.pdbx_refine_id                           'X-RAY DIFFRACTION' 
_refine.pdbx_diffrn_id                           1 
_refine.pdbx_TLS_residual_ADP_flag               ? 
_refine.correlation_coeff_Fo_to_Fc               ? 
_refine.correlation_coeff_Fo_to_Fc_free          ? 
_refine.pdbx_solvent_vdw_probe_radii             ? 
_refine.pdbx_solvent_ion_probe_radii             ? 
_refine.pdbx_solvent_shrinkage_radii             ? 
_refine.pdbx_overall_phase_error                 ? 
_refine.overall_SU_R_Cruickshank_DPI             ? 
_refine.pdbx_overall_SU_R_free_Cruickshank_DPI   ? 
_refine.pdbx_overall_SU_R_Blow_DPI               ? 
_refine.pdbx_overall_SU_R_free_Blow_DPI          ? 
# 
_refine_hist.pdbx_refine_id                   'X-RAY DIFFRACTION' 
_refine_hist.cycle_id                         LAST 
_refine_hist.pdbx_number_atoms_protein        0 
_refine_hist.pdbx_number_atoms_nucleic_acid   486 
_refine_hist.pdbx_number_atoms_ligand         1 
_refine_hist.number_atoms_solvent             105 
_refine_hist.number_atoms_total               592 
_refine_hist.d_res_high                       2.3 
_refine_hist.d_res_low                        8.0 
# 
_pdbx_refine.entry_id                                    458D 
_pdbx_refine.R_factor_all_no_cutoff                      0.207 
_pdbx_refine.R_factor_obs_no_cutoff                      ? 
_pdbx_refine.free_R_factor_no_cutoff                     0.303 
_pdbx_refine.free_R_val_test_set_size_perc_no_cutoff     10.0 
_pdbx_refine.free_R_val_test_set_ct_no_cutoff            210 
_pdbx_refine.R_factor_all_4sig_cutoff                    ? 
_pdbx_refine.R_factor_obs_4sig_cutoff                    0.206 
_pdbx_refine.free_R_factor_4sig_cutoff                   ? 
_pdbx_refine.free_R_val_test_set_size_perc_4sig_cutoff   10.0 
_pdbx_refine.free_R_val_test_set_ct_4sig_cutoff          210 
_pdbx_refine.number_reflns_obs_4sig_cutoff               ? 
_pdbx_refine.pdbx_refine_id                              'X-RAY DIFFRACTION' 
_pdbx_refine.free_R_error_no_cutoff                      ? 
# 
_struct.entry_id                  458D 
_struct.title                     
'DNA MINOR-GROOVE RECOGNITION OF A TRIS-BENZIMIDAZOLE DRUG BY A NON-SELF-COMPLEMENTARY AT-RICH SEQUENCE' 
_struct.pdbx_model_details        ? 
_struct.pdbx_CASP_flag            ? 
_struct.pdbx_model_type_details   ? 
# 
_struct_keywords.entry_id        458D 
_struct_keywords.pdbx_keywords   DNA 
_struct_keywords.text            'B-DNA, DEOXYRIBONUCLEIC ACID, DNA' 
# 
loop_
_struct_asym.id 
_struct_asym.pdbx_blank_PDB_chainid_flag 
_struct_asym.pdbx_modified 
_struct_asym.entity_id 
_struct_asym.details 
A N N 1 ? 
B N N 2 ? 
C N N 3 ? 
D N N 3 ? 
# 
loop_
_struct_ref.id 
_struct_ref.entity_id 
_struct_ref.db_name 
_struct_ref.db_code 
_struct_ref.pdbx_db_accession 
_struct_ref.pdbx_db_isoform 
_struct_ref.pdbx_seq_one_letter_code 
_struct_ref.pdbx_align_begin 
1 1 PDB 458D 458D ? ? ? 
2 2 PDB 458D 458D ? ? ? 
# 
loop_
_struct_ref_seq.align_id 
_struct_ref_seq.ref_id 
_struct_ref_seq.pdbx_PDB_id_code 
_struct_ref_seq.pdbx_strand_id 
_struct_ref_seq.seq_align_beg 
_struct_ref_seq.pdbx_seq_align_beg_ins_code 
_struct_ref_seq.seq_align_end 
_struct_ref_seq.pdbx_seq_align_end_ins_code 
_struct_ref_seq.pdbx_db_accession 
_struct_ref_seq.db_align_beg 
_struct_ref_seq.pdbx_db_align_beg_ins_code 
_struct_ref_seq.db_align_end 
_struct_ref_seq.pdbx_db_align_end_ins_code 
_struct_ref_seq.pdbx_auth_seq_align_beg 
_struct_ref_seq.pdbx_auth_seq_align_end 
1 1 458D A 1 ? 12 ? 458D 1  ? 12 ? 1  12 
2 2 458D B 1 ? 12 ? 458D 13 ? 24 ? 13 24 
# 
_pdbx_struct_assembly.id                   1 
_pdbx_struct_assembly.details              author_defined_assembly 
_pdbx_struct_assembly.method_details       ? 
_pdbx_struct_assembly.oligomeric_details   dimeric 
_pdbx_struct_assembly.oligomeric_count     2 
# 
_pdbx_struct_assembly_gen.assembly_id       1 
_pdbx_struct_assembly_gen.oper_expression   1 
_pdbx_struct_assembly_gen.asym_id_list      A,B,C,D 
# 
_pdbx_struct_oper_list.id                   1 
_pdbx_struct_oper_list.type                 'identity operation' 
_pdbx_struct_oper_list.name                 1_555 
_pdbx_struct_oper_list.symmetry_operation   x,y,z 
_pdbx_struct_oper_list.matrix[1][1]         1.0000000000 
_pdbx_struct_oper_list.matrix[1][2]         0.0000000000 
_pdbx_struct_oper_list.matrix[1][3]         0.0000000000 
_pdbx_struct_oper_list.vector[1]            0.0000000000 
_pdbx_struct_oper_list.matrix[2][1]         0.0000000000 
_pdbx_struct_oper_list.matrix[2][2]         1.0000000000 
_pdbx_struct_oper_list.matrix[2][3]         0.0000000000 
_pdbx_struct_oper_list.vector[2]            0.0000000000 
_pdbx_struct_oper_list.matrix[3][1]         0.0000000000 
_pdbx_struct_oper_list.matrix[3][2]         0.0000000000 
_pdbx_struct_oper_list.matrix[3][3]         1.0000000000 
_pdbx_struct_oper_list.vector[3]            0.0000000000 
# 
_struct_biol.id   1 
# 
loop_
_struct_conn.id 
_struct_conn.conn_type_id 
_struct_conn.pdbx_leaving_atom_flag 
_struct_conn.pdbx_PDB_id 
_struct_conn.ptnr1_label_asym_id 
_struct_conn.ptnr1_label_comp_id 
_struct_conn.ptnr1_label_seq_id 
_struct_conn.ptnr1_label_atom_id 
_struct_conn.pdbx_ptnr1_label_alt_id 
_struct_conn.pdbx_ptnr1_PDB_ins_code 
_struct_conn.pdbx_ptnr1_standard_comp_id 
_struct_conn.ptnr1_symmetry 
_struct_conn.ptnr2_label_asym_id 
_struct_conn.ptnr2_label_comp_id 
_struct_conn.ptnr2_label_seq_id 
_struct_conn.ptnr2_label_atom_id 
_struct_conn.pdbx_ptnr2_label_alt_id 
_struct_conn.pdbx_ptnr2_PDB_ins_code 
_struct_conn.ptnr1_auth_asym_id 
_struct_conn.ptnr1_auth_comp_id 
_struct_conn.ptnr1_auth_seq_id 
_struct_conn.ptnr2_auth_asym_id 
_struct_conn.ptnr2_auth_comp_id 
_struct_conn.ptnr2_auth_seq_id 
_struct_conn.ptnr2_symmetry 
_struct_conn.pdbx_ptnr3_label_atom_id 
_struct_conn.pdbx_ptnr3_label_seq_id 
_struct_conn.pdbx_ptnr3_label_comp_id 
_struct_conn.pdbx_ptnr3_label_asym_id 
_struct_conn.pdbx_ptnr3_label_alt_id 
_struct_conn.pdbx_ptnr3_PDB_ins_code 
_struct_conn.details 
_struct_conn.pdbx_dist_value 
_struct_conn.pdbx_value_order 
_struct_conn.pdbx_role 
covale1  covale both ? A DG  2  "O3'" ? ? ? 1_555 A CBR 3  P  ? ? A DG  2  A CBR 3  1_555 ? ? ? ? ? ? ?            1.620 ? ? 
covale2  covale both ? A CBR 3  "O3'" ? ? ? 1_555 A DA  4  P  ? ? A CBR 3  A DA  4  1_555 ? ? ? ? ? ? ?            1.619 ? ? 
hydrog1  hydrog ?    ? A DC  1  N3    ? ? ? 1_555 B DG  12 N1 ? ? A DC  1  B DG  24 1_555 ? ? ? ? ? ? WATSON-CRICK ?     ? ? 
hydrog2  hydrog ?    ? A DC  1  N4    ? ? ? 1_555 B DG  12 O6 ? ? A DC  1  B DG  24 1_555 ? ? ? ? ? ? WATSON-CRICK ?     ? ? 
hydrog3  hydrog ?    ? A DC  1  O2    ? ? ? 1_555 B DG  12 N2 ? ? A DC  1  B DG  24 1_555 ? ? ? ? ? ? WATSON-CRICK ?     ? ? 
hydrog4  hydrog ?    ? A DG  2  N1    ? ? ? 1_555 B DC  11 N3 ? ? A DG  2  B DC  23 1_555 ? ? ? ? ? ? WATSON-CRICK ?     ? ? 
hydrog5  hydrog ?    ? A DG  2  N2    ? ? ? 1_555 B DC  11 O2 ? ? A DG  2  B DC  23 1_555 ? ? ? ? ? ? WATSON-CRICK ?     ? ? 
hydrog6  hydrog ?    ? A DG  2  O6    ? ? ? 1_555 B DC  11 N4 ? ? A DG  2  B DC  23 1_555 ? ? ? ? ? ? WATSON-CRICK ?     ? ? 
hydrog7  hydrog ?    ? A CBR 3  N3    ? ? ? 1_555 B DG  10 N1 ? ? A CBR 3  B DG  22 1_555 ? ? ? ? ? ? WATSON-CRICK ?     ? ? 
hydrog8  hydrog ?    ? A CBR 3  N4    ? ? ? 1_555 B DG  10 O6 ? ? A CBR 3  B DG  22 1_555 ? ? ? ? ? ? WATSON-CRICK ?     ? ? 
hydrog9  hydrog ?    ? A CBR 3  O2    ? ? ? 1_555 B DG  10 N2 ? ? A CBR 3  B DG  22 1_555 ? ? ? ? ? ? WATSON-CRICK ?     ? ? 
hydrog10 hydrog ?    ? A DA  4  N1    ? ? ? 1_555 B DT  9  N3 ? ? A DA  4  B DT  21 1_555 ? ? ? ? ? ? WATSON-CRICK ?     ? ? 
hydrog11 hydrog ?    ? A DA  4  N6    ? ? ? 1_555 B DT  9  O4 ? ? A DA  4  B DT  21 1_555 ? ? ? ? ? ? WATSON-CRICK ?     ? ? 
hydrog12 hydrog ?    ? A DT  5  N3    ? ? ? 1_555 B DA  8  N1 ? ? A DT  5  B DA  20 1_555 ? ? ? ? ? ? WATSON-CRICK ?     ? ? 
hydrog13 hydrog ?    ? A DT  5  O4    ? ? ? 1_555 B DA  8  N6 ? ? A DT  5  B DA  20 1_555 ? ? ? ? ? ? WATSON-CRICK ?     ? ? 
hydrog14 hydrog ?    ? A DA  6  N1    ? ? ? 1_555 B DT  7  N3 ? ? A DA  6  B DT  19 1_555 ? ? ? ? ? ? WATSON-CRICK ?     ? ? 
hydrog15 hydrog ?    ? A DA  6  N6    ? ? ? 1_555 B DT  7  O4 ? ? A DA  6  B DT  19 1_555 ? ? ? ? ? ? WATSON-CRICK ?     ? ? 
hydrog16 hydrog ?    ? A DT  7  N3    ? ? ? 1_555 B DA  6  N1 ? ? A DT  7  B DA  18 1_555 ? ? ? ? ? ? WATSON-CRICK ?     ? ? 
hydrog17 hydrog ?    ? A DT  7  O4    ? ? ? 1_555 B DA  6  N6 ? ? A DT  7  B DA  18 1_555 ? ? ? ? ? ? WATSON-CRICK ?     ? ? 
hydrog18 hydrog ?    ? A DT  8  N3    ? ? ? 1_555 B DA  5  N1 ? ? A DT  8  B DA  17 1_555 ? ? ? ? ? ? WATSON-CRICK ?     ? ? 
hydrog19 hydrog ?    ? A DT  8  O4    ? ? ? 1_555 B DA  5  N6 ? ? A DT  8  B DA  17 1_555 ? ? ? ? ? ? WATSON-CRICK ?     ? ? 
hydrog20 hydrog ?    ? A DT  9  N3    ? ? ? 1_555 B DA  4  N1 ? ? A DT  9  B DA  16 1_555 ? ? ? ? ? ? WATSON-CRICK ?     ? ? 
hydrog21 hydrog ?    ? A DT  9  O4    ? ? ? 1_555 B DA  4  N6 ? ? A DT  9  B DA  16 1_555 ? ? ? ? ? ? WATSON-CRICK ?     ? ? 
hydrog22 hydrog ?    ? A DG  10 N2    ? ? ? 1_555 B DC  3  O2 ? ? A DG  10 B DC  15 1_555 ? ? ? ? ? ? 'DG-DC PAIR' ?     ? ? 
hydrog23 hydrog ?    ? A DC  11 N3    ? ? ? 1_555 B DG  2  N1 ? ? A DC  11 B DG  14 1_555 ? ? ? ? ? ? WATSON-CRICK ?     ? ? 
hydrog24 hydrog ?    ? A DC  11 N4    ? ? ? 1_555 B DG  2  O6 ? ? A DC  11 B DG  14 1_555 ? ? ? ? ? ? WATSON-CRICK ?     ? ? 
hydrog25 hydrog ?    ? A DC  11 O2    ? ? ? 1_555 B DG  2  N2 ? ? A DC  11 B DG  14 1_555 ? ? ? ? ? ? WATSON-CRICK ?     ? ? 
hydrog26 hydrog ?    ? A DG  12 N1    ? ? ? 1_555 B DC  1  N3 ? ? A DG  12 B DC  13 1_555 ? ? ? ? ? ? WATSON-CRICK ?     ? ? 
hydrog27 hydrog ?    ? A DG  12 N2    ? ? ? 1_555 B DC  1  O2 ? ? A DG  12 B DC  13 1_555 ? ? ? ? ? ? WATSON-CRICK ?     ? ? 
hydrog28 hydrog ?    ? A DG  12 O6    ? ? ? 1_555 B DC  1  N4 ? ? A DG  12 B DC  13 1_555 ? ? ? ? ? ? WATSON-CRICK ?     ? ? 
# 
loop_
_struct_conn_type.id 
_struct_conn_type.criteria 
_struct_conn_type.reference 
covale ? ? 
hydrog ? ? 
# 
loop_
_pdbx_validate_rmsd_angle.id 
_pdbx_validate_rmsd_angle.PDB_model_num 
_pdbx_validate_rmsd_angle.auth_atom_id_1 
_pdbx_validate_rmsd_angle.auth_asym_id_1 
_pdbx_validate_rmsd_angle.auth_comp_id_1 
_pdbx_validate_rmsd_angle.auth_seq_id_1 
_pdbx_validate_rmsd_angle.PDB_ins_code_1 
_pdbx_validate_rmsd_angle.label_alt_id_1 
_pdbx_validate_rmsd_angle.auth_atom_id_2 
_pdbx_validate_rmsd_angle.auth_asym_id_2 
_pdbx_validate_rmsd_angle.auth_comp_id_2 
_pdbx_validate_rmsd_angle.auth_seq_id_2 
_pdbx_validate_rmsd_angle.PDB_ins_code_2 
_pdbx_validate_rmsd_angle.label_alt_id_2 
_pdbx_validate_rmsd_angle.auth_atom_id_3 
_pdbx_validate_rmsd_angle.auth_asym_id_3 
_pdbx_validate_rmsd_angle.auth_comp_id_3 
_pdbx_validate_rmsd_angle.auth_seq_id_3 
_pdbx_validate_rmsd_angle.PDB_ins_code_3 
_pdbx_validate_rmsd_angle.label_alt_id_3 
_pdbx_validate_rmsd_angle.angle_value 
_pdbx_validate_rmsd_angle.angle_target_value 
_pdbx_validate_rmsd_angle.angle_deviation 
_pdbx_validate_rmsd_angle.angle_standard_deviation 
_pdbx_validate_rmsd_angle.linker_flag 
1  1 C2    A DC 1  ? ? N3    A DC 1  ? ? C4    A DC 1  ? ? 123.16 119.90 3.26   0.50 N 
2  1 N1    A DC 1  ? ? C2    A DC 1  ? ? O2    A DC 1  ? ? 113.48 118.90 -5.42  0.60 N 
3  1 N3    A DC 1  ? ? C2    A DC 1  ? ? O2    A DC 1  ? ? 129.81 121.90 7.91   0.70 N 
4  1 "O5'" A DG 2  ? ? "C5'" A DG 2  ? ? "C4'" A DG 2  ? ? 104.01 109.40 -5.39  0.80 N 
5  1 "O4'" A DG 2  ? ? "C1'" A DG 2  ? ? N9    A DG 2  ? ? 110.95 108.30 2.65   0.30 N 
6  1 N1    A DG 2  ? ? C6    A DG 2  ? ? O6    A DG 2  ? ? 124.81 119.90 4.91   0.60 N 
7  1 C5    A DG 2  ? ? C6    A DG 2  ? ? O6    A DG 2  ? ? 124.67 128.60 -3.93  0.60 N 
8  1 "O4'" A DA 4  ? ? "C4'" A DA 4  ? ? "C3'" A DA 4  ? ? 98.40  104.50 -6.10  0.40 N 
9  1 "C3'" A DA 4  ? ? "C2'" A DA 4  ? ? "C1'" A DA 4  ? ? 97.32  102.40 -5.08  0.80 N 
10 1 C8    A DA 4  ? ? N9    A DA 4  ? ? C4    A DA 4  ? ? 109.76 105.80 3.95   0.40 N 
11 1 N9    A DA 4  ? ? C4    A DA 4  ? ? C5    A DA 4  ? ? 102.20 105.80 -3.60  0.40 N 
12 1 N1    A DA 4  ? ? C6    A DA 4  ? ? N6    A DA 4  ? ? 124.19 118.60 5.59   0.60 N 
13 1 C2    A DT 5  ? ? N3    A DT 5  ? ? C4    A DT 5  ? ? 131.59 127.20 4.39   0.60 N 
14 1 P     A DA 6  ? ? "O5'" A DA 6  ? ? "C5'" A DA 6  ? ? 131.24 120.90 10.34  1.60 N 
15 1 "O4'" A DA 6  ? ? "C1'" A DA 6  ? ? "C2'" A DA 6  ? ? 99.63  105.90 -6.27  0.80 N 
16 1 C2    A DA 6  ? ? N3    A DA 6  ? ? C4    A DA 6  ? ? 115.92 110.60 5.32   0.50 N 
17 1 N3    A DA 6  ? ? C4    A DA 6  ? ? C5    A DA 6  ? ? 117.19 126.80 -9.61  0.70 N 
18 1 C4    A DA 6  ? ? C5    A DA 6  ? ? C6    A DA 6  ? ? 123.57 117.00 6.57   0.50 N 
19 1 N3    A DA 6  ? ? C4    A DA 6  ? ? N9    A DA 6  ? ? 138.70 127.40 11.30  0.80 N 
20 1 C6    A DA 6  ? ? C5    A DA 6  ? ? N7    A DA 6  ? ? 125.37 132.30 -6.93  0.70 N 
21 1 "C1'" A DT 7  ? ? "O4'" A DT 7  ? ? "C4'" A DT 7  ? ? 101.60 110.10 -8.50  1.00 N 
22 1 "O4'" A DT 8  ? ? "C4'" A DT 8  ? ? "C3'" A DT 8  ? ? 101.70 104.50 -2.80  0.40 N 
23 1 N3    A DT 8  ? ? C4    A DT 8  ? ? O4    A DT 8  ? ? 114.23 119.90 -5.67  0.60 N 
24 1 C5    A DT 8  ? ? C4    A DT 8  ? ? O4    A DT 8  ? ? 131.52 124.90 6.62   0.70 N 
25 1 C4    A DT 8  ? ? C5    A DT 8  ? ? C7    A DT 8  ? ? 125.88 119.00 6.88   0.60 N 
26 1 C6    A DT 8  ? ? C5    A DT 8  ? ? C7    A DT 8  ? ? 117.88 122.90 -5.02  0.60 N 
27 1 N3    A DT 9  ? ? C4    A DT 9  ? ? O4    A DT 9  ? ? 114.89 119.90 -5.01  0.60 N 
28 1 C5    A DT 9  ? ? C4    A DT 9  ? ? O4    A DT 9  ? ? 130.41 124.90 5.51   0.70 N 
29 1 "C3'" A DT 9  ? ? "O3'" A DT 9  ? ? P     A DG 10 ? ? 129.34 119.70 9.64   1.20 Y 
30 1 N3    A DG 10 ? ? C4    A DG 10 ? ? C5    A DG 10 ? ? 132.90 128.60 4.30   0.50 N 
31 1 N3    A DG 10 ? ? C4    A DG 10 ? ? N9    A DG 10 ? ? 121.98 126.00 -4.02  0.60 N 
32 1 "C3'" A DG 10 ? ? "O3'" A DG 10 ? ? P     A DC 11 ? ? 133.54 119.70 13.84  1.20 Y 
33 1 P     A DC 11 ? ? "O5'" A DC 11 ? ? "C5'" A DC 11 ? ? 110.02 120.90 -10.88 1.60 N 
34 1 N3    A DC 11 ? ? C2    A DC 11 ? ? O2    A DC 11 ? ? 117.69 121.90 -4.21  0.70 N 
35 1 "O4'" A DG 12 ? ? "C1'" A DG 12 ? ? N9    A DG 12 ? ? 110.74 108.30 2.44   0.30 N 
36 1 N3    A DG 12 ? ? C2    A DG 12 ? ? N2    A DG 12 ? ? 115.46 119.90 -4.44  0.70 N 
37 1 N1    A DG 12 ? ? C6    A DG 12 ? ? O6    A DG 12 ? ? 123.99 119.90 4.09   0.60 N 
38 1 "C3'" B DC 13 ? ? "O3'" B DC 13 ? ? P     B DG 14 ? ? 137.22 119.70 17.52  1.20 Y 
39 1 N3    B DG 14 ? ? C4    B DG 14 ? ? C5    B DG 14 ? ? 125.25 128.60 -3.35  0.50 N 
40 1 C4    B DG 14 ? ? C5    B DG 14 ? ? N7    B DG 14 ? ? 108.34 110.80 -2.46  0.40 N 
41 1 C4    B DC 15 ? ? C5    B DC 15 ? ? C6    B DC 15 ? ? 113.96 117.40 -3.44  0.50 N 
42 1 N1    B DC 15 ? ? C2    B DC 15 ? ? O2    B DC 15 ? ? 124.84 118.90 5.94   0.60 N 
43 1 N3    B DC 15 ? ? C2    B DC 15 ? ? O2    B DC 15 ? ? 117.14 121.90 -4.76  0.70 N 
44 1 C8    B DA 17 ? ? N9    B DA 17 ? ? C4    B DA 17 ? ? 109.63 105.80 3.83   0.40 N 
45 1 N9    B DA 17 ? ? C4    B DA 17 ? ? C5    B DA 17 ? ? 103.19 105.80 -2.61  0.40 N 
46 1 N3    B DA 17 ? ? C4    B DA 17 ? ? N9    B DA 17 ? ? 132.54 127.40 5.14   0.80 N 
47 1 C8    B DA 18 ? ? N9    B DA 18 ? ? C4    B DA 18 ? ? 110.27 105.80 4.47   0.40 N 
48 1 N9    B DA 18 ? ? C4    B DA 18 ? ? C5    B DA 18 ? ? 101.71 105.80 -4.09  0.40 N 
49 1 N1    B DA 18 ? ? C6    B DA 18 ? ? N6    B DA 18 ? ? 123.17 118.60 4.57   0.60 N 
50 1 OP1   B DT 19 ? ? P     B DT 19 ? ? OP2   B DT 19 ? ? 130.31 119.60 10.71  1.50 N 
51 1 "O5'" B DT 19 ? ? "C5'" B DT 19 ? ? "C4'" B DT 19 ? ? 102.99 109.40 -6.41  0.80 N 
52 1 C2    B DT 19 ? ? N3    B DT 19 ? ? C4    B DT 19 ? ? 132.64 127.20 5.44   0.60 N 
53 1 C4    B DT 19 ? ? C5    B DT 19 ? ? C7    B DT 19 ? ? 114.86 119.00 -4.14  0.60 N 
54 1 C6    B DT 19 ? ? C5    B DT 19 ? ? C7    B DT 19 ? ? 127.35 122.90 4.45   0.60 N 
55 1 N3    B DA 20 ? ? C4    B DA 20 ? ? C5    B DA 20 ? ? 122.33 126.80 -4.47  0.70 N 
56 1 N3    B DA 20 ? ? C4    B DA 20 ? ? N9    B DA 20 ? ? 132.81 127.40 5.41   0.80 N 
57 1 N1    B DT 21 ? ? C2    B DT 21 ? ? O2    B DT 21 ? ? 116.14 123.10 -6.96  0.80 N 
58 1 N3    B DT 21 ? ? C2    B DT 21 ? ? O2    B DT 21 ? ? 131.31 122.30 9.01   0.60 N 
59 1 N3    B DT 21 ? ? C4    B DT 21 ? ? O4    B DT 21 ? ? 115.02 119.90 -4.88  0.60 N 
60 1 C5    B DT 21 ? ? C4    B DT 21 ? ? O4    B DT 21 ? ? 129.62 124.90 4.72   0.70 N 
61 1 "C3'" B DG 22 ? ? "C2'" B DG 22 ? ? "C1'" B DG 22 ? ? 97.20  102.40 -5.20  0.80 N 
62 1 N3    B DG 22 ? ? C4    B DG 22 ? ? C5    B DG 22 ? ? 132.36 128.60 3.76   0.50 N 
63 1 N3    B DG 22 ? ? C4    B DG 22 ? ? N9    B DG 22 ? ? 122.12 126.00 -3.88  0.60 N 
64 1 C6    B DG 22 ? ? C5    B DG 22 ? ? N7    B DG 22 ? ? 134.81 130.40 4.41   0.60 N 
65 1 N1    B DG 22 ? ? C6    B DG 22 ? ? O6    B DG 22 ? ? 115.63 119.90 -4.27  0.60 N 
66 1 C5    B DG 22 ? ? C6    B DG 22 ? ? O6    B DG 22 ? ? 132.78 128.60 4.18   0.60 N 
67 1 "O4'" B DC 23 ? ? "C1'" B DC 23 ? ? N1    B DC 23 ? ? 110.63 108.30 2.33   0.30 N 
68 1 N1    B DC 23 ? ? C2    B DC 23 ? ? O2    B DC 23 ? ? 111.96 118.90 -6.94  0.60 N 
69 1 N3    B DC 23 ? ? C2    B DC 23 ? ? O2    B DC 23 ? ? 127.40 121.90 5.50   0.70 N 
70 1 "C4'" B DG 24 ? ? "C3'" B DG 24 ? ? "C2'" B DG 24 ? ? 109.56 103.10 6.46   0.90 N 
71 1 "O4'" B DG 24 ? ? "C1'" B DG 24 ? ? N9    B DG 24 ? ? 111.45 108.30 3.15   0.30 N 
72 1 C4    B DG 24 ? ? C5    B DG 24 ? ? N7    B DG 24 ? ? 113.27 110.80 2.47   0.40 N 
73 1 C8    B DG 24 ? ? N9    B DG 24 ? ? C4    B DG 24 ? ? 108.94 106.40 2.54   0.40 N 
74 1 N9    B DG 24 ? ? C4    B DG 24 ? ? C5    B DG 24 ? ? 102.18 105.40 -3.22  0.40 N 
75 1 N1    B DG 24 ? ? C6    B DG 24 ? ? O6    B DG 24 ? ? 128.32 119.90 8.42   0.60 N 
76 1 C5    B DG 24 ? ? C6    B DG 24 ? ? O6    B DG 24 ? ? 120.95 128.60 -7.65  0.60 N 
# 
_pdbx_struct_mod_residue.id               1 
_pdbx_struct_mod_residue.label_asym_id    A 
_pdbx_struct_mod_residue.label_comp_id    CBR 
_pdbx_struct_mod_residue.label_seq_id     3 
_pdbx_struct_mod_residue.auth_asym_id     A 
_pdbx_struct_mod_residue.auth_comp_id     CBR 
_pdbx_struct_mod_residue.auth_seq_id      3 
_pdbx_struct_mod_residue.PDB_ins_code     ? 
_pdbx_struct_mod_residue.parent_comp_id   DC 
_pdbx_struct_mod_residue.details          ? 
# 
loop_
_chem_comp_atom.comp_id 
_chem_comp_atom.atom_id 
_chem_comp_atom.type_symbol 
_chem_comp_atom.pdbx_aromatic_flag 
_chem_comp_atom.pdbx_stereo_config 
_chem_comp_atom.pdbx_ordinal 
CBR BR     BR N N 1   
CBR P      P  N N 2   
CBR OP1    O  N N 3   
CBR OP2    O  N N 4   
CBR "O5'"  O  N N 5   
CBR N1     N  N N 6   
CBR C6     C  N N 7   
CBR C2     C  N N 8   
CBR O2     O  N N 9   
CBR N3     N  N N 10  
CBR C4     C  N N 11  
CBR N4     N  N N 12  
CBR C5     C  N N 13  
CBR "C2'"  C  N N 14  
CBR "C5'"  C  N N 15  
CBR "C4'"  C  N R 16  
CBR "O4'"  O  N N 17  
CBR "C1'"  C  N R 18  
CBR "C3'"  C  N S 19  
CBR "O3'"  O  N N 20  
CBR OP3    O  N N 21  
CBR HOP2   H  N N 22  
CBR H6     H  N N 23  
CBR H41    H  N N 24  
CBR H42    H  N N 25  
CBR "H2'"  H  N N 26  
CBR "H2''" H  N N 27  
CBR "H5'"  H  N N 28  
CBR "H5''" H  N N 29  
CBR "H4'"  H  N N 30  
CBR "H1'"  H  N N 31  
CBR "H3'"  H  N N 32  
CBR "HO3'" H  N N 33  
CBR HOP3   H  N N 34  
DA  OP3    O  N N 35  
DA  P      P  N N 36  
DA  OP1    O  N N 37  
DA  OP2    O  N N 38  
DA  "O5'"  O  N N 39  
DA  "C5'"  C  N N 40  
DA  "C4'"  C  N R 41  
DA  "O4'"  O  N N 42  
DA  "C3'"  C  N S 43  
DA  "O3'"  O  N N 44  
DA  "C2'"  C  N N 45  
DA  "C1'"  C  N R 46  
DA  N9     N  Y N 47  
DA  C8     C  Y N 48  
DA  N7     N  Y N 49  
DA  C5     C  Y N 50  
DA  C6     C  Y N 51  
DA  N6     N  N N 52  
DA  N1     N  Y N 53  
DA  C2     C  Y N 54  
DA  N3     N  Y N 55  
DA  C4     C  Y N 56  
DA  HOP3   H  N N 57  
DA  HOP2   H  N N 58  
DA  "H5'"  H  N N 59  
DA  "H5''" H  N N 60  
DA  "H4'"  H  N N 61  
DA  "H3'"  H  N N 62  
DA  "HO3'" H  N N 63  
DA  "H2'"  H  N N 64  
DA  "H2''" H  N N 65  
DA  "H1'"  H  N N 66  
DA  H8     H  N N 67  
DA  H61    H  N N 68  
DA  H62    H  N N 69  
DA  H2     H  N N 70  
DC  OP3    O  N N 71  
DC  P      P  N N 72  
DC  OP1    O  N N 73  
DC  OP2    O  N N 74  
DC  "O5'"  O  N N 75  
DC  "C5'"  C  N N 76  
DC  "C4'"  C  N R 77  
DC  "O4'"  O  N N 78  
DC  "C3'"  C  N S 79  
DC  "O3'"  O  N N 80  
DC  "C2'"  C  N N 81  
DC  "C1'"  C  N R 82  
DC  N1     N  N N 83  
DC  C2     C  N N 84  
DC  O2     O  N N 85  
DC  N3     N  N N 86  
DC  C4     C  N N 87  
DC  N4     N  N N 88  
DC  C5     C  N N 89  
DC  C6     C  N N 90  
DC  HOP3   H  N N 91  
DC  HOP2   H  N N 92  
DC  "H5'"  H  N N 93  
DC  "H5''" H  N N 94  
DC  "H4'"  H  N N 95  
DC  "H3'"  H  N N 96  
DC  "HO3'" H  N N 97  
DC  "H2'"  H  N N 98  
DC  "H2''" H  N N 99  
DC  "H1'"  H  N N 100 
DC  H41    H  N N 101 
DC  H42    H  N N 102 
DC  H5     H  N N 103 
DC  H6     H  N N 104 
DG  OP3    O  N N 105 
DG  P      P  N N 106 
DG  OP1    O  N N 107 
DG  OP2    O  N N 108 
DG  "O5'"  O  N N 109 
DG  "C5'"  C  N N 110 
DG  "C4'"  C  N R 111 
DG  "O4'"  O  N N 112 
DG  "C3'"  C  N S 113 
DG  "O3'"  O  N N 114 
DG  "C2'"  C  N N 115 
DG  "C1'"  C  N R 116 
DG  N9     N  Y N 117 
DG  C8     C  Y N 118 
DG  N7     N  Y N 119 
DG  C5     C  Y N 120 
DG  C6     C  N N 121 
DG  O6     O  N N 122 
DG  N1     N  N N 123 
DG  C2     C  N N 124 
DG  N2     N  N N 125 
DG  N3     N  N N 126 
DG  C4     C  Y N 127 
DG  HOP3   H  N N 128 
DG  HOP2   H  N N 129 
DG  "H5'"  H  N N 130 
DG  "H5''" H  N N 131 
DG  "H4'"  H  N N 132 
DG  "H3'"  H  N N 133 
DG  "HO3'" H  N N 134 
DG  "H2'"  H  N N 135 
DG  "H2''" H  N N 136 
DG  "H1'"  H  N N 137 
DG  H8     H  N N 138 
DG  H1     H  N N 139 
DG  H21    H  N N 140 
DG  H22    H  N N 141 
DT  OP3    O  N N 142 
DT  P      P  N N 143 
DT  OP1    O  N N 144 
DT  OP2    O  N N 145 
DT  "O5'"  O  N N 146 
DT  "C5'"  C  N N 147 
DT  "C4'"  C  N R 148 
DT  "O4'"  O  N N 149 
DT  "C3'"  C  N S 150 
DT  "O3'"  O  N N 151 
DT  "C2'"  C  N N 152 
DT  "C1'"  C  N R 153 
DT  N1     N  N N 154 
DT  C2     C  N N 155 
DT  O2     O  N N 156 
DT  N3     N  N N 157 
DT  C4     C  N N 158 
DT  O4     O  N N 159 
DT  C5     C  N N 160 
DT  C7     C  N N 161 
DT  C6     C  N N 162 
DT  HOP3   H  N N 163 
DT  HOP2   H  N N 164 
DT  "H5'"  H  N N 165 
DT  "H5''" H  N N 166 
DT  "H4'"  H  N N 167 
DT  "H3'"  H  N N 168 
DT  "HO3'" H  N N 169 
DT  "H2'"  H  N N 170 
DT  "H2''" H  N N 171 
DT  "H1'"  H  N N 172 
DT  H3     H  N N 173 
DT  H71    H  N N 174 
DT  H72    H  N N 175 
DT  H73    H  N N 176 
DT  H6     H  N N 177 
HOH O      O  N N 178 
HOH H1     H  N N 179 
HOH H2     H  N N 180 
# 
loop_
_chem_comp_bond.comp_id 
_chem_comp_bond.atom_id_1 
_chem_comp_bond.atom_id_2 
_chem_comp_bond.value_order 
_chem_comp_bond.pdbx_aromatic_flag 
_chem_comp_bond.pdbx_stereo_config 
_chem_comp_bond.pdbx_ordinal 
CBR BR    C5     sing N N 1   
CBR P     OP1    doub N N 2   
CBR P     OP2    sing N N 3   
CBR P     "O5'"  sing N N 4   
CBR P     OP3    sing N N 5   
CBR OP2   HOP2   sing N N 6   
CBR "O5'" "C5'"  sing N N 7   
CBR N1    C6     sing N N 8   
CBR N1    C2     sing N N 9   
CBR N1    "C1'"  sing N N 10  
CBR C6    C5     doub N N 11  
CBR C6    H6     sing N N 12  
CBR C2    O2     doub N N 13  
CBR C2    N3     sing N N 14  
CBR N3    C4     doub N N 15  
CBR C4    N4     sing N N 16  
CBR C4    C5     sing N N 17  
CBR N4    H41    sing N N 18  
CBR N4    H42    sing N N 19  
CBR "C2'" "C1'"  sing N N 20  
CBR "C2'" "C3'"  sing N N 21  
CBR "C2'" "H2'"  sing N N 22  
CBR "C2'" "H2''" sing N N 23  
CBR "C5'" "C4'"  sing N N 24  
CBR "C5'" "H5'"  sing N N 25  
CBR "C5'" "H5''" sing N N 26  
CBR "C4'" "O4'"  sing N N 27  
CBR "C4'" "C3'"  sing N N 28  
CBR "C4'" "H4'"  sing N N 29  
CBR "O4'" "C1'"  sing N N 30  
CBR "C1'" "H1'"  sing N N 31  
CBR "C3'" "O3'"  sing N N 32  
CBR "C3'" "H3'"  sing N N 33  
CBR "O3'" "HO3'" sing N N 34  
CBR OP3   HOP3   sing N N 35  
DA  OP3   P      sing N N 36  
DA  OP3   HOP3   sing N N 37  
DA  P     OP1    doub N N 38  
DA  P     OP2    sing N N 39  
DA  P     "O5'"  sing N N 40  
DA  OP2   HOP2   sing N N 41  
DA  "O5'" "C5'"  sing N N 42  
DA  "C5'" "C4'"  sing N N 43  
DA  "C5'" "H5'"  sing N N 44  
DA  "C5'" "H5''" sing N N 45  
DA  "C4'" "O4'"  sing N N 46  
DA  "C4'" "C3'"  sing N N 47  
DA  "C4'" "H4'"  sing N N 48  
DA  "O4'" "C1'"  sing N N 49  
DA  "C3'" "O3'"  sing N N 50  
DA  "C3'" "C2'"  sing N N 51  
DA  "C3'" "H3'"  sing N N 52  
DA  "O3'" "HO3'" sing N N 53  
DA  "C2'" "C1'"  sing N N 54  
DA  "C2'" "H2'"  sing N N 55  
DA  "C2'" "H2''" sing N N 56  
DA  "C1'" N9     sing N N 57  
DA  "C1'" "H1'"  sing N N 58  
DA  N9    C8     sing Y N 59  
DA  N9    C4     sing Y N 60  
DA  C8    N7     doub Y N 61  
DA  C8    H8     sing N N 62  
DA  N7    C5     sing Y N 63  
DA  C5    C6     sing Y N 64  
DA  C5    C4     doub Y N 65  
DA  C6    N6     sing N N 66  
DA  C6    N1     doub Y N 67  
DA  N6    H61    sing N N 68  
DA  N6    H62    sing N N 69  
DA  N1    C2     sing Y N 70  
DA  C2    N3     doub Y N 71  
DA  C2    H2     sing N N 72  
DA  N3    C4     sing Y N 73  
DC  OP3   P      sing N N 74  
DC  OP3   HOP3   sing N N 75  
DC  P     OP1    doub N N 76  
DC  P     OP2    sing N N 77  
DC  P     "O5'"  sing N N 78  
DC  OP2   HOP2   sing N N 79  
DC  "O5'" "C5'"  sing N N 80  
DC  "C5'" "C4'"  sing N N 81  
DC  "C5'" "H5'"  sing N N 82  
DC  "C5'" "H5''" sing N N 83  
DC  "C4'" "O4'"  sing N N 84  
DC  "C4'" "C3'"  sing N N 85  
DC  "C4'" "H4'"  sing N N 86  
DC  "O4'" "C1'"  sing N N 87  
DC  "C3'" "O3'"  sing N N 88  
DC  "C3'" "C2'"  sing N N 89  
DC  "C3'" "H3'"  sing N N 90  
DC  "O3'" "HO3'" sing N N 91  
DC  "C2'" "C1'"  sing N N 92  
DC  "C2'" "H2'"  sing N N 93  
DC  "C2'" "H2''" sing N N 94  
DC  "C1'" N1     sing N N 95  
DC  "C1'" "H1'"  sing N N 96  
DC  N1    C2     sing N N 97  
DC  N1    C6     sing N N 98  
DC  C2    O2     doub N N 99  
DC  C2    N3     sing N N 100 
DC  N3    C4     doub N N 101 
DC  C4    N4     sing N N 102 
DC  C4    C5     sing N N 103 
DC  N4    H41    sing N N 104 
DC  N4    H42    sing N N 105 
DC  C5    C6     doub N N 106 
DC  C5    H5     sing N N 107 
DC  C6    H6     sing N N 108 
DG  OP3   P      sing N N 109 
DG  OP3   HOP3   sing N N 110 
DG  P     OP1    doub N N 111 
DG  P     OP2    sing N N 112 
DG  P     "O5'"  sing N N 113 
DG  OP2   HOP2   sing N N 114 
DG  "O5'" "C5'"  sing N N 115 
DG  "C5'" "C4'"  sing N N 116 
DG  "C5'" "H5'"  sing N N 117 
DG  "C5'" "H5''" sing N N 118 
DG  "C4'" "O4'"  sing N N 119 
DG  "C4'" "C3'"  sing N N 120 
DG  "C4'" "H4'"  sing N N 121 
DG  "O4'" "C1'"  sing N N 122 
DG  "C3'" "O3'"  sing N N 123 
DG  "C3'" "C2'"  sing N N 124 
DG  "C3'" "H3'"  sing N N 125 
DG  "O3'" "HO3'" sing N N 126 
DG  "C2'" "C1'"  sing N N 127 
DG  "C2'" "H2'"  sing N N 128 
DG  "C2'" "H2''" sing N N 129 
DG  "C1'" N9     sing N N 130 
DG  "C1'" "H1'"  sing N N 131 
DG  N9    C8     sing Y N 132 
DG  N9    C4     sing Y N 133 
DG  C8    N7     doub Y N 134 
DG  C8    H8     sing N N 135 
DG  N7    C5     sing Y N 136 
DG  C5    C6     sing N N 137 
DG  C5    C4     doub Y N 138 
DG  C6    O6     doub N N 139 
DG  C6    N1     sing N N 140 
DG  N1    C2     sing N N 141 
DG  N1    H1     sing N N 142 
DG  C2    N2     sing N N 143 
DG  C2    N3     doub N N 144 
DG  N2    H21    sing N N 145 
DG  N2    H22    sing N N 146 
DG  N3    C4     sing N N 147 
DT  OP3   P      sing N N 148 
DT  OP3   HOP3   sing N N 149 
DT  P     OP1    doub N N 150 
DT  P     OP2    sing N N 151 
DT  P     "O5'"  sing N N 152 
DT  OP2   HOP2   sing N N 153 
DT  "O5'" "C5'"  sing N N 154 
DT  "C5'" "C4'"  sing N N 155 
DT  "C5'" "H5'"  sing N N 156 
DT  "C5'" "H5''" sing N N 157 
DT  "C4'" "O4'"  sing N N 158 
DT  "C4'" "C3'"  sing N N 159 
DT  "C4'" "H4'"  sing N N 160 
DT  "O4'" "C1'"  sing N N 161 
DT  "C3'" "O3'"  sing N N 162 
DT  "C3'" "C2'"  sing N N 163 
DT  "C3'" "H3'"  sing N N 164 
DT  "O3'" "HO3'" sing N N 165 
DT  "C2'" "C1'"  sing N N 166 
DT  "C2'" "H2'"  sing N N 167 
DT  "C2'" "H2''" sing N N 168 
DT  "C1'" N1     sing N N 169 
DT  "C1'" "H1'"  sing N N 170 
DT  N1    C2     sing N N 171 
DT  N1    C6     sing N N 172 
DT  C2    O2     doub N N 173 
DT  C2    N3     sing N N 174 
DT  N3    C4     sing N N 175 
DT  N3    H3     sing N N 176 
DT  C4    O4     doub N N 177 
DT  C4    C5     sing N N 178 
DT  C5    C7     sing N N 179 
DT  C5    C6     doub N N 180 
DT  C7    H71    sing N N 181 
DT  C7    H72    sing N N 182 
DT  C7    H73    sing N N 183 
DT  C6    H6     sing N N 184 
HOH O     H1     sing N N 185 
HOH O     H2     sing N N 186 
# 
loop_
_ndb_struct_conf_na.entry_id 
_ndb_struct_conf_na.feature 
458D 'double helix'        
458D 'b-form double helix' 
# 
loop_
_ndb_struct_na_base_pair.model_number 
_ndb_struct_na_base_pair.i_label_asym_id 
_ndb_struct_na_base_pair.i_label_comp_id 
_ndb_struct_na_base_pair.i_label_seq_id 
_ndb_struct_na_base_pair.i_symmetry 
_ndb_struct_na_base_pair.j_label_asym_id 
_ndb_struct_na_base_pair.j_label_comp_id 
_ndb_struct_na_base_pair.j_label_seq_id 
_ndb_struct_na_base_pair.j_symmetry 
_ndb_struct_na_base_pair.shear 
_ndb_struct_na_base_pair.stretch 
_ndb_struct_na_base_pair.stagger 
_ndb_struct_na_base_pair.buckle 
_ndb_struct_na_base_pair.propeller 
_ndb_struct_na_base_pair.opening 
_ndb_struct_na_base_pair.pair_number 
_ndb_struct_na_base_pair.pair_name 
_ndb_struct_na_base_pair.i_auth_asym_id 
_ndb_struct_na_base_pair.i_auth_seq_id 
_ndb_struct_na_base_pair.i_PDB_ins_code 
_ndb_struct_na_base_pair.j_auth_asym_id 
_ndb_struct_na_base_pair.j_auth_seq_id 
_ndb_struct_na_base_pair.j_PDB_ins_code 
_ndb_struct_na_base_pair.hbond_type_28 
_ndb_struct_na_base_pair.hbond_type_12 
1 A DC  1  1_555 B DG 12 1_555 0.446  -0.137 -0.117 -2.600 -8.164  -8.094 1  A_DC1:DG24_B  A 1  ? B 24 ? 19 1 
1 A DG  2  1_555 B DC 11 1_555 0.138  -0.289 -0.111 -8.537 -10.756 -8.012 2  A_DG2:DC23_B  A 2  ? B 23 ? 19 1 
1 A CBR 3  1_555 B DG 10 1_555 0.005  0.093  0.252  -3.124 -10.129 -1.211 3  A_CBR3:DG22_B A 3  ? B 22 ? 19 1 
1 A DA  4  1_555 B DT 9  1_555 0.227  0.052  -0.170 9.321  -15.012 -0.166 4  A_DA4:DT21_B  A 4  ? B 21 ? 20 1 
1 A DT  5  1_555 B DA 8  1_555 -0.622 -0.316 0.612  9.458  -20.270 4.132  5  A_DT5:DA20_B  A 5  ? B 20 ? 20 1 
1 A DA  6  1_555 B DT 7  1_555 0.499  -0.272 0.817  5.091  -12.173 11.834 6  A_DA6:DT19_B  A 6  ? B 19 ? 20 1 
1 A DT  7  1_555 B DA 6  1_555 -0.184 -0.259 0.248  -3.043 -19.371 1.426  7  A_DT7:DA18_B  A 7  ? B 18 ? 20 1 
1 A DT  8  1_555 B DA 5  1_555 -0.932 -0.322 0.257  -9.588 -15.703 5.854  8  A_DT8:DA17_B  A 8  ? B 17 ? 20 1 
1 A DT  9  1_555 B DA 4  1_555 -0.187 -0.336 -0.439 -6.310 -20.209 1.714  9  A_DT9:DA16_B  A 9  ? B 16 ? 20 1 
1 A DG  10 1_555 B DC 3  1_555 -0.174 0.532  -0.264 6.956  -2.913  8.096  10 A_DG10:DC15_B A 10 ? B 15 ? ?  ? 
1 A DC  11 1_555 B DG 2  1_555 0.041  -0.287 0.124  3.662  -21.250 -6.443 11 A_DC11:DG14_B A 11 ? B 14 ? 19 1 
1 A DG  12 1_555 B DC 1  1_555 0.226  -0.295 0.095  6.081  -5.928  -9.115 12 A_DG12:DC13_B A 12 ? B 13 ? 19 1 
# 
loop_
_ndb_struct_na_base_pair_step.model_number 
_ndb_struct_na_base_pair_step.i_label_asym_id_1 
_ndb_struct_na_base_pair_step.i_label_comp_id_1 
_ndb_struct_na_base_pair_step.i_label_seq_id_1 
_ndb_struct_na_base_pair_step.i_symmetry_1 
_ndb_struct_na_base_pair_step.j_label_asym_id_1 
_ndb_struct_na_base_pair_step.j_label_comp_id_1 
_ndb_struct_na_base_pair_step.j_label_seq_id_1 
_ndb_struct_na_base_pair_step.j_symmetry_1 
_ndb_struct_na_base_pair_step.i_label_asym_id_2 
_ndb_struct_na_base_pair_step.i_label_comp_id_2 
_ndb_struct_na_base_pair_step.i_label_seq_id_2 
_ndb_struct_na_base_pair_step.i_symmetry_2 
_ndb_struct_na_base_pair_step.j_label_asym_id_2 
_ndb_struct_na_base_pair_step.j_label_comp_id_2 
_ndb_struct_na_base_pair_step.j_label_seq_id_2 
_ndb_struct_na_base_pair_step.j_symmetry_2 
_ndb_struct_na_base_pair_step.shift 
_ndb_struct_na_base_pair_step.slide 
_ndb_struct_na_base_pair_step.rise 
_ndb_struct_na_base_pair_step.tilt 
_ndb_struct_na_base_pair_step.roll 
_ndb_struct_na_base_pair_step.twist 
_ndb_struct_na_base_pair_step.x_displacement 
_ndb_struct_na_base_pair_step.y_displacement 
_ndb_struct_na_base_pair_step.helical_rise 
_ndb_struct_na_base_pair_step.inclination 
_ndb_struct_na_base_pair_step.tip 
_ndb_struct_na_base_pair_step.helical_twist 
_ndb_struct_na_base_pair_step.step_number 
_ndb_struct_na_base_pair_step.step_name 
_ndb_struct_na_base_pair_step.i_auth_asym_id_1 
_ndb_struct_na_base_pair_step.i_auth_seq_id_1 
_ndb_struct_na_base_pair_step.i_PDB_ins_code_1 
_ndb_struct_na_base_pair_step.j_auth_asym_id_1 
_ndb_struct_na_base_pair_step.j_auth_seq_id_1 
_ndb_struct_na_base_pair_step.j_PDB_ins_code_1 
_ndb_struct_na_base_pair_step.i_auth_asym_id_2 
_ndb_struct_na_base_pair_step.i_auth_seq_id_2 
_ndb_struct_na_base_pair_step.i_PDB_ins_code_2 
_ndb_struct_na_base_pair_step.j_auth_asym_id_2 
_ndb_struct_na_base_pair_step.j_auth_seq_id_2 
_ndb_struct_na_base_pair_step.j_PDB_ins_code_2 
1 A DC  1  1_555 B DG 12 1_555 A DG  2  1_555 B DC 11 1_555 -0.145 0.129  3.598 1.848  0.172   35.919 0.183  0.524  3.587 0.278   
-2.993 35.966 1  AA_DC1DG2:DC23DG24_BB   A 1  ? B 24 ? A 2  ? B 23 ? 
1 A DG  2  1_555 B DC 11 1_555 A CBR 3  1_555 B DG 10 1_555 0.755  0.315  3.096 -2.030 -0.031  37.911 0.488  -1.404 3.053 -0.047  
3.122  37.964 2  AA_DG2CBR3:DG22DC23_BB  A 2  ? B 23 ? A 3  ? B 22 ? 
1 A CBR 3  1_555 B DG 10 1_555 A DA  4  1_555 B DT 9  1_555 -0.734 0.761  3.130 4.470  12.218  30.223 -0.725 2.056  3.065 22.185  
-8.117 32.844 3  AA_CBR3DA4:DT21DG22_BB  A 3  ? B 22 ? A 4  ? B 21 ? 
1 A DA  4  1_555 B DT 9  1_555 A DT  5  1_555 B DA 8  1_555 0.384  -0.772 3.178 -8.932 -3.979  27.630 -0.692 -2.636 2.991 -8.019  
18.002 29.277 4  AA_DA4DT5:DA20DT21_BB   A 4  ? B 21 ? A 5  ? B 20 ? 
1 A DT  5  1_555 B DA 8  1_555 A DA  6  1_555 B DT 7  1_555 0.476  -0.466 3.229 -2.375 -3.593  47.210 -0.292 -0.782 3.228 -4.476  
2.958  47.395 5  AA_DT5DA6:DT19DA20_BB   A 5  ? B 20 ? A 6  ? B 19 ? 
1 A DA  6  1_555 B DT 7  1_555 A DT  7  1_555 B DA 6  1_555 -0.521 -0.704 3.442 3.672  -1.025  25.050 -1.295 2.301  3.358 -2.345  
-8.403 25.334 6  AA_DA6DT7:DA18DT19_BB   A 6  ? B 19 ? A 7  ? B 18 ? 
1 A DT  7  1_555 B DA 6  1_555 A DT  8  1_555 B DA 5  1_555 -0.138 -0.660 3.403 0.518  -1.222  33.796 -0.928 0.324  3.422 -2.102  
-0.890 33.821 7  AA_DT7DT8:DA17DA18_BB   A 7  ? B 18 ? A 8  ? B 17 ? 
1 A DT  8  1_555 B DA 5  1_555 A DT  9  1_555 B DA 4  1_555 -0.498 0.087  2.921 4.048  -2.803  42.307 0.370  1.047  2.853 -3.867  
-5.586 42.579 8  AA_DT8DT9:DA16DA17_BB   A 8  ? B 17 ? A 9  ? B 16 ? 
1 A DT  9  1_555 B DA 4  1_555 A DG  10 1_555 B DC 3  1_555 0.601  1.020  3.303 -6.747 3.838   30.952 1.151  -2.335 3.204 7.053   
12.400 31.887 9  AA_DT9DG10:DC15DA16_BB  A 9  ? B 16 ? A 10 ? B 15 ? 
1 A DG  10 1_555 B DC 3  1_555 A DC  11 1_555 B DG 2  1_555 -1.392 0.547  3.284 -5.215 -10.994 41.832 1.813  1.369  3.192 -15.020 
7.125  43.489 10 AA_DG10DC11:DG14DC15_BB A 10 ? B 15 ? A 11 ? B 14 ? 
1 A DC  11 1_555 B DG 2  1_555 A DG  12 1_555 B DC 1  1_555 0.433  0.582  3.291 1.377  3.514   37.299 0.437  -0.490 3.344 5.478   
-2.146 37.483 11 AA_DC11DG12:DC13DG14_BB A 11 ? B 14 ? A 12 ? B 13 ? 
# 
_atom_sites.entry_id                    458D 
_atom_sites.fract_transf_matrix[1][1]   0.02041197 
_atom_sites.fract_transf_matrix[1][2]   0.01743479 
_atom_sites.fract_transf_matrix[1][3]   -0.02924570 
_atom_sites.fract_transf_matrix[2][1]   0.02087301 
_atom_sites.fract_transf_matrix[2][2]   -0.00307987 
_atom_sites.fract_transf_matrix[2][3]   0.01273221 
_atom_sites.fract_transf_matrix[3][1]   0.00204268 
_atom_sites.fract_transf_matrix[3][2]   -0.01347747 
_atom_sites.fract_transf_matrix[3][3]   -0.00660889 
_atom_sites.fract_transf_vector[1]      0.406098 
_atom_sites.fract_transf_vector[2]      0.022260 
_atom_sites.fract_transf_vector[3]      0.369705 
# 
loop_
_atom_type.symbol 
BR 
C  
N  
O  
P  
# 
loop_
_atom_site.group_PDB 
_atom_site.id 
_atom_site.type_symbol 
_atom_site.label_atom_id 
_atom_site.label_alt_id 
_atom_site.label_comp_id 
_atom_site.label_asym_id 
_atom_site.label_entity_id 
_atom_site.label_seq_id 
_atom_site.pdbx_PDB_ins_code 
_atom_site.Cartn_x 
_atom_site.Cartn_y 
_atom_site.Cartn_z 
_atom_site.occupancy 
_atom_site.B_iso_or_equiv 
_atom_site.pdbx_formal_charge 
_atom_site.auth_seq_id 
_atom_site.auth_comp_id 
_atom_site.auth_asym_id 
_atom_site.auth_atom_id 
_atom_site.pdbx_PDB_model_num 
ATOM   1   O  "O5'" . DC  A 1 1  ? 7.100   9.330   15.844  1.00 81.08 ? 1    DC  A "O5'" 1 
ATOM   2   C  "C5'" . DC  A 1 1  ? 6.333   9.884   16.914  1.00 50.02 ? 1    DC  A "C5'" 1 
ATOM   3   C  "C4'" . DC  A 1 1  ? 4.893   9.688   16.543  1.00 53.37 ? 1    DC  A "C4'" 1 
ATOM   4   O  "O4'" . DC  A 1 1  ? 4.451   10.831  15.744  1.00 48.57 ? 1    DC  A "O4'" 1 
ATOM   5   C  "C3'" . DC  A 1 1  ? 4.612   8.418   15.734  1.00 54.26 ? 1    DC  A "C3'" 1 
ATOM   6   O  "O3'" . DC  A 1 1  ? 3.505   7.704   16.291  1.00 61.99 ? 1    DC  A "O3'" 1 
ATOM   7   C  "C2'" . DC  A 1 1  ? 4.356   8.920   14.332  1.00 38.76 ? 1    DC  A "C2'" 1 
ATOM   8   C  "C1'" . DC  A 1 1  ? 3.736   10.263  14.624  1.00 45.98 ? 1    DC  A "C1'" 1 
ATOM   9   N  N1    . DC  A 1 1  ? 3.784   11.222  13.477  1.00 38.44 ? 1    DC  A N1    1 
ATOM   10  C  C2    . DC  A 1 1  ? 2.565   11.854  13.174  1.00 39.79 ? 1    DC  A C2    1 
ATOM   11  O  O2    . DC  A 1 1  ? 1.613   11.479  13.899  1.00 47.13 ? 1    DC  A O2    1 
ATOM   12  N  N3    . DC  A 1 1  ? 2.580   12.741  12.165  1.00 34.02 ? 1    DC  A N3    1 
ATOM   13  C  C4    . DC  A 1 1  ? 3.655   13.024  11.478  1.00 31.55 ? 1    DC  A C4    1 
ATOM   14  N  N4    . DC  A 1 1  ? 3.504   13.929  10.498  1.00 41.15 ? 1    DC  A N4    1 
ATOM   15  C  C5    . DC  A 1 1  ? 4.920   12.416  11.783  1.00 31.44 ? 1    DC  A C5    1 
ATOM   16  C  C6    . DC  A 1 1  ? 4.908   11.531  12.797  1.00 32.31 ? 1    DC  A C6    1 
ATOM   17  P  P     . DG  A 1 2  ? 3.035   6.267   15.719  1.00 60.83 ? 2    DG  A P     1 
ATOM   18  O  OP1   . DG  A 1 2  ? 3.645   5.156   16.506  1.00 58.17 ? 2    DG  A OP1   1 
ATOM   19  O  OP2   . DG  A 1 2  ? 3.246   6.264   14.251  1.00 41.03 ? 2    DG  A OP2   1 
ATOM   20  O  "O5'" . DG  A 1 2  ? 1.482   6.268   16.056  1.00 54.69 ? 2    DG  A "O5'" 1 
ATOM   21  C  "C5'" . DG  A 1 2  ? 0.815   7.492   16.401  1.00 52.15 ? 2    DG  A "C5'" 1 
ATOM   22  C  "C4'" . DG  A 1 2  ? -0.445  7.469   15.568  1.00 56.93 ? 2    DG  A "C4'" 1 
ATOM   23  O  "O4'" . DG  A 1 2  ? -0.368  8.432   14.507  1.00 57.56 ? 2    DG  A "O4'" 1 
ATOM   24  C  "C3'" . DG  A 1 2  ? -0.679  6.118   14.898  1.00 65.39 ? 2    DG  A "C3'" 1 
ATOM   25  O  "O3'" . DG  A 1 2  ? -2.053  5.781   14.871  1.00 71.98 ? 2    DG  A "O3'" 1 
ATOM   26  C  "C2'" . DG  A 1 2  ? -0.123  6.310   13.504  1.00 57.12 ? 2    DG  A "C2'" 1 
ATOM   27  C  "C1'" . DG  A 1 2  ? -0.519  7.759   13.261  1.00 49.23 ? 2    DG  A "C1'" 1 
ATOM   28  N  N9    . DG  A 1 2  ? 0.342   8.359   12.234  1.00 42.23 ? 2    DG  A N9    1 
ATOM   29  C  C8    . DG  A 1 2  ? 1.672   8.106   11.966  1.00 42.02 ? 2    DG  A C8    1 
ATOM   30  N  N7    . DG  A 1 2  ? 2.145   8.807   10.975  1.00 41.63 ? 2    DG  A N7    1 
ATOM   31  C  C5    . DG  A 1 2  ? 1.050   9.558   10.584  1.00 35.45 ? 2    DG  A C5    1 
ATOM   32  C  C6    . DG  A 1 2  ? 0.983   10.501  9.548   1.00 34.25 ? 2    DG  A C6    1 
ATOM   33  O  O6    . DG  A 1 2  ? 1.926   10.806  8.816   1.00 35.67 ? 2    DG  A O6    1 
ATOM   34  N  N1    . DG  A 1 2  ? -0.297  11.048  9.466   1.00 33.85 ? 2    DG  A N1    1 
ATOM   35  C  C2    . DG  A 1 2  ? -1.349  10.708  10.272  1.00 28.77 ? 2    DG  A C2    1 
ATOM   36  N  N2    . DG  A 1 2  ? -2.490  11.352  10.023  1.00 39.87 ? 2    DG  A N2    1 
ATOM   37  N  N3    . DG  A 1 2  ? -1.315  9.826   11.252  1.00 38.23 ? 2    DG  A N3    1 
ATOM   38  C  C4    . DG  A 1 2  ? -0.070  9.301   11.339  1.00 43.84 ? 2    DG  A C4    1 
HETATM 39  BR BR    . CBR A 1 3  ? 0.709   4.628   10.572  1.00 76.41 ? 3    CBR A BR    1 
HETATM 40  P  P     . CBR A 1 3  ? -2.571  4.283   14.533  1.00 63.69 ? 3    CBR A P     1 
HETATM 41  O  OP1   . CBR A 1 3  ? -3.220  3.754   15.762  1.00 76.13 ? 3    CBR A OP1   1 
HETATM 42  O  OP2   . CBR A 1 3  ? -1.552  3.526   13.778  1.00 78.86 ? 3    CBR A OP2   1 
HETATM 43  O  "O5'" . CBR A 1 3  ? -3.757  4.584   13.484  1.00 63.92 ? 3    CBR A "O5'" 1 
HETATM 44  N  N1    . CBR A 1 3  ? -2.738  6.771   9.907   1.00 47.78 ? 3    CBR A N1    1 
HETATM 45  C  C6    . CBR A 1 3  ? -1.849  5.879   10.392  1.00 49.12 ? 3    CBR A C6    1 
HETATM 46  C  C2    . CBR A 1 3  ? -2.365  7.638   8.886   1.00 44.25 ? 3    CBR A C2    1 
HETATM 47  O  O2    . CBR A 1 3  ? -3.211  8.448   8.444   1.00 42.95 ? 3    CBR A O2    1 
HETATM 48  N  N3    . CBR A 1 3  ? -1.097  7.606   8.409   1.00 42.71 ? 3    CBR A N3    1 
HETATM 49  C  C4    . CBR A 1 3  ? -0.208  6.735   8.879   1.00 44.87 ? 3    CBR A C4    1 
HETATM 50  N  N4    . CBR A 1 3  ? 1.049   6.720   8.369   1.00 37.10 ? 3    CBR A N4    1 
HETATM 51  C  C5    . CBR A 1 3  ? -0.589  5.833   9.915   1.00 56.28 ? 3    CBR A C5    1 
HETATM 52  C  "C2'" . CBR A 1 3  ? -4.943  5.602   10.073  1.00 56.07 ? 3    CBR A "C2'" 1 
HETATM 53  C  "C5'" . CBR A 1 3  ? -4.724  5.608   13.709  1.00 63.95 ? 3    CBR A "C5'" 1 
HETATM 54  C  "C4'" . CBR A 1 3  ? -5.231  6.183   12.397  1.00 61.47 ? 3    CBR A "C4'" 1 
HETATM 55  O  "O4'" . CBR A 1 3  ? -4.213  7.003   11.794  1.00 52.36 ? 3    CBR A "O4'" 1 
HETATM 56  C  "C1'" . CBR A 1 3  ? -4.156  6.858   10.397  1.00 53.26 ? 3    CBR A "C1'" 1 
HETATM 57  C  "C3'" . CBR A 1 3  ? -5.605  5.149   11.337  1.00 60.05 ? 3    CBR A "C3'" 1 
HETATM 58  O  "O3'" . CBR A 1 3  ? -7.036  5.078   11.208  1.00 55.20 ? 3    CBR A "O3'" 1 
ATOM   59  P  P     . DA  A 1 4  ? -7.650  3.989   10.178  1.00 46.82 ? 4    DA  A P     1 
ATOM   60  O  OP1   . DA  A 1 4  ? -8.541  3.051   10.908  1.00 58.44 ? 4    DA  A OP1   1 
ATOM   61  O  OP2   . DA  A 1 4  ? -6.498  3.366   9.445   1.00 52.11 ? 4    DA  A OP2   1 
ATOM   62  O  "O5'" . DA  A 1 4  ? -8.479  4.886   9.196   1.00 40.67 ? 4    DA  A "O5'" 1 
ATOM   63  C  "C5'" . DA  A 1 4  ? -7.917  6.127   8.748   1.00 54.05 ? 4    DA  A "C5'" 1 
ATOM   64  C  "C4'" . DA  A 1 4  ? -8.332  6.524   7.372   1.00 55.70 ? 4    DA  A "C4'" 1 
ATOM   65  O  "O4'" . DA  A 1 4  ? -7.177  6.810   6.539   1.00 45.67 ? 4    DA  A "O4'" 1 
ATOM   66  C  "C3'" . DA  A 1 4  ? -9.004  5.483   6.472   1.00 59.56 ? 4    DA  A "C3'" 1 
ATOM   67  O  "O3'" . DA  A 1 4  ? -9.566  6.116   5.320   1.00 58.58 ? 4    DA  A "O3'" 1 
ATOM   68  C  "C2'" . DA  A 1 4  ? -7.809  4.574   6.254   1.00 47.79 ? 4    DA  A "C2'" 1 
ATOM   69  C  "C1'" . DA  A 1 4  ? -6.852  5.628   5.772   1.00 44.41 ? 4    DA  A "C1'" 1 
ATOM   70  N  N9    . DA  A 1 4  ? -5.439  5.336   5.999   1.00 44.17 ? 4    DA  A N9    1 
ATOM   71  C  C8    . DA  A 1 4  ? -5.027  4.358   6.849   1.00 41.99 ? 4    DA  A C8    1 
ATOM   72  N  N7    . DA  A 1 4  ? -3.731  4.294   6.897   1.00 36.79 ? 4    DA  A N7    1 
ATOM   73  C  C5    . DA  A 1 4  ? -3.312  5.293   6.049   1.00 37.35 ? 4    DA  A C5    1 
ATOM   74  C  C6    . DA  A 1 4  ? -2.013  5.709   5.698   1.00 34.63 ? 4    DA  A C6    1 
ATOM   75  N  N6    . DA  A 1 4  ? -0.945  5.098   6.216   1.00 44.58 ? 4    DA  A N6    1 
ATOM   76  N  N1    . DA  A 1 4  ? -1.950  6.738   4.852   1.00 25.93 ? 4    DA  A N1    1 
ATOM   77  C  C2    . DA  A 1 4  ? -3.049  7.297   4.355   1.00 34.36 ? 4    DA  A C2    1 
ATOM   78  N  N3    . DA  A 1 4  ? -4.318  6.997   4.592   1.00 39.46 ? 4    DA  A N3    1 
ATOM   79  C  C4    . DA  A 1 4  ? -4.358  5.968   5.468   1.00 38.66 ? 4    DA  A C4    1 
ATOM   80  P  P     . DT  A 1 5  ? -10.448 5.271   4.268   1.00 66.44 ? 5    DT  A P     1 
ATOM   81  O  OP1   . DT  A 1 5  ? -11.775 5.897   4.093   1.00 77.28 ? 5    DT  A OP1   1 
ATOM   82  O  OP2   . DT  A 1 5  ? -10.370 3.802   4.578   1.00 73.73 ? 5    DT  A OP2   1 
ATOM   83  O  "O5'" . DT  A 1 5  ? -9.623  5.461   2.902   1.00 67.22 ? 5    DT  A "O5'" 1 
ATOM   84  C  "C5'" . DT  A 1 5  ? -9.381  6.773   2.398   1.00 62.99 ? 5    DT  A "C5'" 1 
ATOM   85  C  "C4'" . DT  A 1 5  ? -8.076  6.915   1.666   1.00 59.65 ? 5    DT  A "C4'" 1 
ATOM   86  O  "O4'" . DT  A 1 5  ? -6.998  6.279   2.382   1.00 52.38 ? 5    DT  A "O4'" 1 
ATOM   87  C  "C3'" . DT  A 1 5  ? -8.023  6.239   0.299   1.00 63.17 ? 5    DT  A "C3'" 1 
ATOM   88  O  "O3'" . DT  A 1 5  ? -8.129  7.213   -0.728  1.00 59.45 ? 5    DT  A "O3'" 1 
ATOM   89  C  "C2'" . DT  A 1 5  ? -6.693  5.521   0.236   1.00 59.53 ? 5    DT  A "C2'" 1 
ATOM   90  C  "C1'" . DT  A 1 5  ? -5.950  6.018   1.454   1.00 47.53 ? 5    DT  A "C1'" 1 
ATOM   91  N  N1    . DT  A 1 5  ? -4.995  5.071   2.084   1.00 48.15 ? 5    DT  A N1    1 
ATOM   92  C  C2    . DT  A 1 5  ? -3.669  5.228   1.800   1.00 51.33 ? 5    DT  A C2    1 
ATOM   93  O  O2    . DT  A 1 5  ? -3.166  6.074   1.081   1.00 67.13 ? 5    DT  A O2    1 
ATOM   94  N  N3    . DT  A 1 5  ? -2.901  4.304   2.444   1.00 50.87 ? 5    DT  A N3    1 
ATOM   95  C  C4    . DT  A 1 5  ? -3.232  3.269   3.286   1.00 45.18 ? 5    DT  A C4    1 
ATOM   96  O  O4    . DT  A 1 5  ? -2.363  2.535   3.770   1.00 56.88 ? 5    DT  A O4    1 
ATOM   97  C  C5    . DT  A 1 5  ? -4.633  3.169   3.529   1.00 35.81 ? 5    DT  A C5    1 
ATOM   98  C  C7    . DT  A 1 5  ? -5.195  2.103   4.447   1.00 47.82 ? 5    DT  A C7    1 
ATOM   99  C  C6    . DT  A 1 5  ? -5.404  4.070   2.933   1.00 42.68 ? 5    DT  A C6    1 
ATOM   100 P  P     . DA  A 1 6  ? -8.175  6.675   -2.241  1.00 55.94 ? 6    DA  A P     1 
ATOM   101 O  OP1   . DA  A 1 6  ? -9.020  7.638   -2.968  1.00 53.35 ? 6    DA  A OP1   1 
ATOM   102 O  OP2   . DA  A 1 6  ? -8.573  5.215   -2.219  1.00 36.78 ? 6    DA  A OP2   1 
ATOM   103 O  "O5'" . DA  A 1 6  ? -6.718  6.713   -2.797  1.00 51.65 ? 6    DA  A "O5'" 1 
ATOM   104 C  "C5'" . DA  A 1 6  ? -5.755  7.742   -2.807  1.00 53.87 ? 6    DA  A "C5'" 1 
ATOM   105 C  "C4'" . DA  A 1 6  ? -4.380  7.186   -3.113  1.00 54.37 ? 6    DA  A "C4'" 1 
ATOM   106 O  "O4'" . DA  A 1 6  ? -3.954  6.238   -2.101  1.00 49.64 ? 6    DA  A "O4'" 1 
ATOM   107 C  "C3'" . DA  A 1 6  ? -4.270  6.410   -4.427  1.00 50.35 ? 6    DA  A "C3'" 1 
ATOM   108 O  "O3'" . DA  A 1 6  ? -3.384  7.155   -5.250  1.00 43.97 ? 6    DA  A "O3'" 1 
ATOM   109 C  "C2'" . DA  A 1 6  ? -3.832  5.013   -3.979  1.00 50.95 ? 6    DA  A "C2'" 1 
ATOM   110 C  "C1'" . DA  A 1 6  ? -3.124  5.193   -2.692  1.00 45.40 ? 6    DA  A "C1'" 1 
ATOM   111 N  N9    . DA  A 1 6  ? -3.101  4.077   -1.754  1.00 39.82 ? 6    DA  A N9    1 
ATOM   112 C  C8    . DA  A 1 6  ? -4.275  3.632   -1.199  1.00 32.54 ? 6    DA  A C8    1 
ATOM   113 N  N7    . DA  A 1 6  ? -4.124  2.668   -0.365  1.00 33.21 ? 6    DA  A N7    1 
ATOM   114 C  C5    . DA  A 1 6  ? -2.752  2.473   -0.337  1.00 37.12 ? 6    DA  A C5    1 
ATOM   115 C  C6    . DA  A 1 6  ? -2.075  1.506   0.454   1.00 29.68 ? 6    DA  A C6    1 
ATOM   116 N  N6    . DA  A 1 6  ? -2.703  0.671   1.248   1.00 36.65 ? 6    DA  A N6    1 
ATOM   117 N  N1    . DA  A 1 6  ? -0.764  1.456   0.363   1.00 36.77 ? 6    DA  A N1    1 
ATOM   118 C  C2    . DA  A 1 6  ? -0.172  2.358   -0.490  1.00 38.44 ? 6    DA  A C2    1 
ATOM   119 N  N3    . DA  A 1 6  ? -0.737  3.297   -1.248  1.00 40.13 ? 6    DA  A N3    1 
ATOM   120 C  C4    . DA  A 1 6  ? -2.099  3.366   -1.195  1.00 35.74 ? 6    DA  A C4    1 
ATOM   121 P  P     . DT  A 1 7  ? -3.210  6.912   -6.822  1.00 43.57 ? 7    DT  A P     1 
ATOM   122 O  OP1   . DT  A 1 7  ? -2.831  8.188   -7.515  1.00 50.13 ? 7    DT  A OP1   1 
ATOM   123 O  OP2   . DT  A 1 7  ? -4.404  6.176   -7.382  1.00 34.84 ? 7    DT  A OP2   1 
ATOM   124 O  "O5'" . DT  A 1 7  ? -1.947  5.968   -6.893  1.00 33.15 ? 7    DT  A "O5'" 1 
ATOM   125 C  "C5'" . DT  A 1 7  ? -0.725  6.345   -6.269  1.00 35.59 ? 7    DT  A "C5'" 1 
ATOM   126 C  "C4'" . DT  A 1 7  ? -0.029  5.046   -5.962  1.00 33.21 ? 7    DT  A "C4'" 1 
ATOM   127 O  "O4'" . DT  A 1 7  ? -0.835  4.223   -5.108  1.00 36.42 ? 7    DT  A "O4'" 1 
ATOM   128 C  "C3'" . DT  A 1 7  ? 0.230   4.176   -7.199  1.00 35.08 ? 7    DT  A "C3'" 1 
ATOM   129 O  "O3'" . DT  A 1 7  ? 1.594   4.373   -7.591  1.00 46.22 ? 7    DT  A "O3'" 1 
ATOM   130 C  "C2'" . DT  A 1 7  ? -0.157  2.782   -6.750  1.00 32.62 ? 7    DT  A "C2'" 1 
ATOM   131 C  "C1'" . DT  A 1 7  ? -0.191  2.939   -5.251  1.00 37.88 ? 7    DT  A "C1'" 1 
ATOM   132 N  N1    . DT  A 1 7  ? -0.971  1.971   -4.453  1.00 33.94 ? 7    DT  A N1    1 
ATOM   133 C  C2    . DT  A 1 7  ? -0.263  1.101   -3.651  1.00 25.05 ? 7    DT  A C2    1 
ATOM   134 O  O2    . DT  A 1 7  ? 0.942   1.079   -3.605  1.00 42.52 ? 7    DT  A O2    1 
ATOM   135 N  N3    . DT  A 1 7  ? -1.009  0.242   -2.891  1.00 27.97 ? 7    DT  A N3    1 
ATOM   136 C  C4    . DT  A 1 7  ? -2.397  0.124   -2.859  1.00 35.30 ? 7    DT  A C4    1 
ATOM   137 O  O4    . DT  A 1 7  ? -2.977  -0.704  -2.138  1.00 48.31 ? 7    DT  A O4    1 
ATOM   138 C  C5    . DT  A 1 7  ? -3.068  1.068   -3.688  1.00 30.57 ? 7    DT  A C5    1 
ATOM   139 C  C7    . DT  A 1 7  ? -4.566  1.103   -3.749  1.00 27.70 ? 7    DT  A C7    1 
ATOM   140 C  C6    . DT  A 1 7  ? -2.330  1.932   -4.417  1.00 34.57 ? 7    DT  A C6    1 
ATOM   141 P  P     . DT  A 1 8  ? 2.151   3.402   -8.781  1.00 56.97 ? 8    DT  A P     1 
ATOM   142 O  OP1   . DT  A 1 8  ? 3.326   4.087   -9.355  1.00 65.80 ? 8    DT  A OP1   1 
ATOM   143 O  OP2   . DT  A 1 8  ? 0.951   3.078   -9.592  1.00 58.38 ? 8    DT  A OP2   1 
ATOM   144 O  "O5'" . DT  A 1 8  ? 2.687   2.139   -7.984  1.00 60.61 ? 8    DT  A "O5'" 1 
ATOM   145 C  "C5'" . DT  A 1 8  ? 3.619   2.439   -6.909  1.00 57.20 ? 8    DT  A "C5'" 1 
ATOM   146 C  "C4'" . DT  A 1 8  ? 4.354   1.223   -6.416  1.00 42.09 ? 8    DT  A "C4'" 1 
ATOM   147 O  "O4'" . DT  A 1 8  ? 3.387   0.399   -5.722  1.00 37.37 ? 8    DT  A "O4'" 1 
ATOM   148 C  "C3'" . DT  A 1 8  ? 4.936   0.240   -7.413  1.00 43.83 ? 8    DT  A "C3'" 1 
ATOM   149 O  "O3'" . DT  A 1 8  ? 6.139   -0.284  -6.843  1.00 48.89 ? 8    DT  A "O3'" 1 
ATOM   150 C  "C2'" . DT  A 1 8  ? 3.843   -0.797  -7.644  1.00 38.28 ? 8    DT  A "C2'" 1 
ATOM   151 C  "C1'" . DT  A 1 8  ? 3.389   -0.975  -6.239  1.00 37.07 ? 8    DT  A "C1'" 1 
ATOM   152 N  N1    . DT  A 1 8  ? 2.030   -1.483  -5.946  1.00 40.06 ? 8    DT  A N1    1 
ATOM   153 C  C2    . DT  A 1 8  ? 1.932   -2.453  -4.973  1.00 43.36 ? 8    DT  A C2    1 
ATOM   154 O  O2    . DT  A 1 8  ? 2.915   -2.921  -4.443  1.00 77.21 ? 8    DT  A O2    1 
ATOM   155 N  N3    . DT  A 1 8  ? 0.657   -2.834  -4.706  1.00 39.43 ? 8    DT  A N3    1 
ATOM   156 C  C4    . DT  A 1 8  ? -0.539  -2.370  -5.251  1.00 37.97 ? 8    DT  A C4    1 
ATOM   157 O  O4    . DT  A 1 8  ? -1.553  -2.929  -4.804  1.00 42.79 ? 8    DT  A O4    1 
ATOM   158 C  C5    . DT  A 1 8  ? -0.379  -1.323  -6.218  1.00 40.76 ? 8    DT  A C5    1 
ATOM   159 C  C7    . DT  A 1 8  ? -1.500  -0.630  -6.974  1.00 33.40 ? 8    DT  A C7    1 
ATOM   160 C  C6    . DT  A 1 8  ? 0.888   -0.942  -6.481  1.00 44.33 ? 8    DT  A C6    1 
ATOM   161 P  P     . DT  A 1 9  ? 7.076   -1.090  -7.913  1.00 60.27 ? 9    DT  A P     1 
ATOM   162 O  OP1   . DT  A 1 9  ? 8.452   -0.542  -7.838  1.00 55.85 ? 9    DT  A OP1   1 
ATOM   163 O  OP2   . DT  A 1 9  ? 6.295   -1.218  -9.178  1.00 51.64 ? 9    DT  A OP2   1 
ATOM   164 O  "O5'" . DT  A 1 9  ? 7.108   -2.536  -7.200  1.00 57.07 ? 9    DT  A "O5'" 1 
ATOM   165 C  "C5'" . DT  A 1 9  ? 6.877   -2.488  -5.783  1.00 57.48 ? 9    DT  A "C5'" 1 
ATOM   166 C  "C4'" . DT  A 1 9  ? 6.968   -3.855  -5.182  1.00 58.13 ? 9    DT  A "C4'" 1 
ATOM   167 O  "O4'" . DT  A 1 9  ? 5.650   -4.381  -4.860  1.00 57.65 ? 9    DT  A "O4'" 1 
ATOM   168 C  "C3'" . DT  A 1 9  ? 7.560   -4.945  -6.079  1.00 56.64 ? 9    DT  A "C3'" 1 
ATOM   169 O  "O3'" . DT  A 1 9  ? 8.211   -5.856  -5.240  1.00 59.76 ? 9    DT  A "O3'" 1 
ATOM   170 C  "C2'" . DT  A 1 9  ? 6.352   -5.494  -6.796  1.00 54.12 ? 9    DT  A "C2'" 1 
ATOM   171 C  "C1'" . DT  A 1 9  ? 5.321   -5.496  -5.674  1.00 51.84 ? 9    DT  A "C1'" 1 
ATOM   172 N  N1    . DT  A 1 9  ? 3.904   -5.352  -6.103  1.00 45.72 ? 9    DT  A N1    1 
ATOM   173 C  C2    . DT  A 1 9  ? 2.956   -5.913  -5.310  1.00 44.20 ? 9    DT  A C2    1 
ATOM   174 O  O2    . DT  A 1 9  ? 3.236   -6.507  -4.314  1.00 45.34 ? 9    DT  A O2    1 
ATOM   175 N  N3    . DT  A 1 9  ? 1.658   -5.757  -5.706  1.00 46.47 ? 9    DT  A N3    1 
ATOM   176 C  C4    . DT  A 1 9  ? 1.223   -5.100  -6.825  1.00 46.20 ? 9    DT  A C4    1 
ATOM   177 O  O4    . DT  A 1 9  ? 0.016   -5.094  -6.979  1.00 67.54 ? 9    DT  A O4    1 
ATOM   178 C  C5    . DT  A 1 9  ? 2.265   -4.517  -7.623  1.00 49.76 ? 9    DT  A C5    1 
ATOM   179 C  C7    . DT  A 1 9  ? 1.979   -3.761  -8.869  1.00 48.61 ? 9    DT  A C7    1 
ATOM   180 C  C6    . DT  A 1 9  ? 3.528   -4.663  -7.223  1.00 49.21 ? 9    DT  A C6    1 
ATOM   181 P  P     . DG  A 1 10 ? 9.659   -6.517  -5.391  1.00 61.16 ? 10   DG  A P     1 
ATOM   182 O  OP1   . DG  A 1 10 ? 10.432  -6.283  -4.125  1.00 66.11 ? 10   DG  A OP1   1 
ATOM   183 O  OP2   . DG  A 1 10 ? 10.291  -6.319  -6.711  1.00 45.57 ? 10   DG  A OP2   1 
ATOM   184 O  "O5'" . DG  A 1 10 ? 9.203   -8.072  -5.325  1.00 63.59 ? 10   DG  A "O5'" 1 
ATOM   185 C  "C5'" . DG  A 1 10 ? 8.249   -8.452  -4.320  1.00 53.87 ? 10   DG  A "C5'" 1 
ATOM   186 C  "C4'" . DG  A 1 10 ? 7.541   -9.697  -4.802  1.00 51.01 ? 10   DG  A "C4'" 1 
ATOM   187 O  "O4'" . DG  A 1 10 ? 6.206   -9.404  -5.235  1.00 47.64 ? 10   DG  A "O4'" 1 
ATOM   188 C  "C3'" . DG  A 1 10 ? 8.218   -10.357 -6.007  1.00 60.48 ? 10   DG  A "C3'" 1 
ATOM   189 O  "O3'" . DG  A 1 10 ? 8.796   -11.561 -5.523  1.00 70.43 ? 10   DG  A "O3'" 1 
ATOM   190 C  "C2'" . DG  A 1 10 ? 7.159   -10.542 -7.072  1.00 51.71 ? 10   DG  A "C2'" 1 
ATOM   191 C  "C1'" . DG  A 1 10 ? 5.873   -10.149 -6.420  1.00 46.76 ? 10   DG  A "C1'" 1 
ATOM   192 N  N9    . DG  A 1 10 ? 5.042   -9.296  -7.294  1.00 48.49 ? 10   DG  A N9    1 
ATOM   193 C  C8    . DG  A 1 10 ? 5.390   -8.424  -8.281  1.00 44.97 ? 10   DG  A C8    1 
ATOM   194 N  N7    . DG  A 1 10 ? 4.334   -7.856  -8.809  1.00 38.64 ? 10   DG  A N7    1 
ATOM   195 C  C5    . DG  A 1 10 ? 3.252   -8.371  -8.127  1.00 39.51 ? 10   DG  A C5    1 
ATOM   196 C  C6    . DG  A 1 10 ? 1.844   -8.151  -8.228  1.00 39.02 ? 10   DG  A C6    1 
ATOM   197 O  O6    . DG  A 1 10 ? 1.212   -7.407  -8.990  1.00 55.50 ? 10   DG  A O6    1 
ATOM   198 N  N1    . DG  A 1 10 ? 1.170   -8.930  -7.299  1.00 29.87 ? 10   DG  A N1    1 
ATOM   199 C  C2    . DG  A 1 10 ? 1.723   -9.806  -6.378  1.00 28.68 ? 10   DG  A C2    1 
ATOM   200 N  N2    . DG  A 1 10 ? 0.926   -10.501 -5.546  1.00 32.09 ? 10   DG  A N2    1 
ATOM   201 N  N3    . DG  A 1 10 ? 3.003   -10.022 -6.274  1.00 40.30 ? 10   DG  A N3    1 
ATOM   202 C  C4    . DG  A 1 10 ? 3.667   -9.266  -7.183  1.00 45.05 ? 10   DG  A C4    1 
ATOM   203 P  P     . DC  A 1 11 ? 8.244   -13.023 -5.313  1.00 64.65 ? 11   DC  A P     1 
ATOM   204 O  OP1   . DC  A 1 11 ? 8.915   -13.620 -4.105  1.00 66.47 ? 11   DC  A OP1   1 
ATOM   205 O  OP2   . DC  A 1 11 ? 8.308   -13.793 -6.593  1.00 72.45 ? 11   DC  A OP2   1 
ATOM   206 O  "O5'" . DC  A 1 11 ? 6.733   -12.919 -4.785  1.00 60.50 ? 11   DC  A "O5'" 1 
ATOM   207 C  "C5'" . DC  A 1 11 ? 6.692   -13.138 -3.349  1.00 61.46 ? 11   DC  A "C5'" 1 
ATOM   208 C  "C4'" . DC  A 1 11 ? 5.406   -13.764 -2.893  1.00 62.85 ? 11   DC  A "C4'" 1 
ATOM   209 O  "O4'" . DC  A 1 11 ? 4.270   -13.258 -3.641  1.00 64.72 ? 11   DC  A "O4'" 1 
ATOM   210 C  "C3'" . DC  A 1 11 ? 5.338   -15.296 -3.065  1.00 58.63 ? 11   DC  A "C3'" 1 
ATOM   211 O  "O3'" . DC  A 1 11 ? 4.641   -15.797 -1.939  1.00 57.73 ? 11   DC  A "O3'" 1 
ATOM   212 C  "C2'" . DC  A 1 11 ? 4.707   -15.440 -4.438  1.00 57.30 ? 11   DC  A "C2'" 1 
ATOM   213 C  "C1'" . DC  A 1 11 ? 3.766   -14.280 -4.540  1.00 58.53 ? 11   DC  A "C1'" 1 
ATOM   214 N  N1    . DC  A 1 11 ? 3.641   -13.689 -5.907  1.00 45.74 ? 11   DC  A N1    1 
ATOM   215 C  C2    . DC  A 1 11 ? 2.373   -13.339 -6.352  1.00 40.08 ? 11   DC  A C2    1 
ATOM   216 O  O2    . DC  A 1 11 ? 1.389   -13.547 -5.636  1.00 51.21 ? 11   DC  A O2    1 
ATOM   217 N  N3    . DC  A 1 11 ? 2.161   -12.784 -7.567  1.00 44.78 ? 11   DC  A N3    1 
ATOM   218 C  C4    . DC  A 1 11 ? 3.223   -12.538 -8.324  1.00 50.88 ? 11   DC  A C4    1 
ATOM   219 N  N4    . DC  A 1 11 ? 3.056   -11.994 -9.520  1.00 42.89 ? 11   DC  A N4    1 
ATOM   220 C  C5    . DC  A 1 11 ? 4.543   -12.873 -7.905  1.00 54.67 ? 11   DC  A C5    1 
ATOM   221 C  C6    . DC  A 1 11 ? 4.718   -13.421 -6.691  1.00 54.61 ? 11   DC  A C6    1 
ATOM   222 P  P     . DG  A 1 12 ? 3.945   -17.259 -1.846  1.00 60.71 ? 12   DG  A P     1 
ATOM   223 O  OP1   . DG  A 1 12 ? 3.590   -17.530 -0.440  1.00 44.04 ? 12   DG  A OP1   1 
ATOM   224 O  OP2   . DG  A 1 12 ? 4.674   -18.219 -2.704  1.00 56.53 ? 12   DG  A OP2   1 
ATOM   225 O  "O5'" . DG  A 1 12 ? 2.515   -16.968 -2.557  1.00 68.64 ? 12   DG  A "O5'" 1 
ATOM   226 C  "C5'" . DG  A 1 12 ? 1.402   -17.821 -2.294  1.00 64.89 ? 12   DG  A "C5'" 1 
ATOM   227 C  "C4'" . DG  A 1 12 ? 0.939   -18.474 -3.576  1.00 56.14 ? 12   DG  A "C4'" 1 
ATOM   228 O  "O4'" . DG  A 1 12 ? 1.075   -17.552 -4.686  1.00 50.31 ? 12   DG  A "O4'" 1 
ATOM   229 C  "C3'" . DG  A 1 12 ? 1.724   -19.715 -3.987  1.00 50.17 ? 12   DG  A "C3'" 1 
ATOM   230 O  "O3'" . DG  A 1 12 ? 0.940   -20.860 -3.661  1.00 68.78 ? 12   DG  A "O3'" 1 
ATOM   231 C  "C2'" . DG  A 1 12 ? 1.985   -19.592 -5.465  1.00 41.95 ? 12   DG  A "C2'" 1 
ATOM   232 C  "C1'" . DG  A 1 12 ? 1.261   -18.319 -5.875  1.00 39.94 ? 12   DG  A "C1'" 1 
ATOM   233 N  N9    . DG  A 1 12 ? 2.053   -17.569 -6.860  1.00 31.26 ? 12   DG  A N9    1 
ATOM   234 C  C8    . DG  A 1 12 ? 3.429   -17.476 -6.968  1.00 38.66 ? 12   DG  A C8    1 
ATOM   235 N  N7    . DG  A 1 12 ? 3.804   -16.711 -7.967  1.00 42.85 ? 12   DG  A N7    1 
ATOM   236 C  C5    . DG  A 1 12 ? 2.602   -16.289 -8.530  1.00 35.59 ? 12   DG  A C5    1 
ATOM   237 C  C6    . DG  A 1 12 ? 2.369   -15.440 -9.643  1.00 44.75 ? 12   DG  A C6    1 
ATOM   238 O  O6    . DG  A 1 12 ? 3.234   -14.901 -10.346 1.00 58.41 ? 12   DG  A O6    1 
ATOM   239 N  N1    . DG  A 1 12 ? 1.019   -15.293 -9.842  1.00 41.04 ? 12   DG  A N1    1 
ATOM   240 C  C2    . DG  A 1 12 ? 0.024   -15.867 -9.095  1.00 35.90 ? 12   DG  A C2    1 
ATOM   241 N  N2    . DG  A 1 12 ? -1.252  -15.653 -9.389  1.00 34.10 ? 12   DG  A N2    1 
ATOM   242 N  N3    . DG  A 1 12 ? 0.239   -16.638 -8.080  1.00 38.75 ? 12   DG  A N3    1 
ATOM   243 C  C4    . DG  A 1 12 ? 1.543   -16.803 -7.856  1.00 27.05 ? 12   DG  A C4    1 
ATOM   244 O  "O5'" . DC  B 2 1  ? -3.082  -12.546 -18.789 1.00 77.05 ? 13   DC  B "O5'" 1 
ATOM   245 C  "C5'" . DC  B 2 1  ? -2.302  -12.934 -17.656 1.00 76.36 ? 13   DC  B "C5'" 1 
ATOM   246 C  "C4'" . DC  B 2 1  ? -3.268  -13.070 -16.509 1.00 77.74 ? 13   DC  B "C4'" 1 
ATOM   247 O  "O4'" . DC  B 2 1  ? -2.642  -13.731 -15.390 1.00 66.60 ? 13   DC  B "O4'" 1 
ATOM   248 C  "C3'" . DC  B 2 1  ? -3.817  -11.736 -15.941 1.00 78.57 ? 13   DC  B "C3'" 1 
ATOM   249 O  "O3'" . DC  B 2 1  ? -5.142  -12.013 -15.571 1.00 78.08 ? 13   DC  B "O3'" 1 
ATOM   250 C  "C2'" . DC  B 2 1  ? -2.806  -11.420 -14.868 1.00 70.22 ? 13   DC  B "C2'" 1 
ATOM   251 C  "C1'" . DC  B 2 1  ? -2.493  -12.797 -14.320 1.00 63.97 ? 13   DC  B "C1'" 1 
ATOM   252 N  N1    . DC  B 2 1  ? -1.108  -12.904 -13.759 1.00 56.83 ? 13   DC  B N1    1 
ATOM   253 C  C2    . DC  B 2 1  ? -0.954  -13.667 -12.607 1.00 43.64 ? 13   DC  B C2    1 
ATOM   254 O  O2    . DC  B 2 1  ? -1.957  -14.168 -12.085 1.00 44.65 ? 13   DC  B O2    1 
ATOM   255 N  N3    . DC  B 2 1  ? 0.276   -13.794 -12.098 1.00 45.46 ? 13   DC  B N3    1 
ATOM   256 C  C4    . DC  B 2 1  ? 1.306   -13.212 -12.706 1.00 55.81 ? 13   DC  B C4    1 
ATOM   257 N  N4    . DC  B 2 1  ? 2.525   -13.347 -12.168 1.00 52.13 ? 13   DC  B N4    1 
ATOM   258 C  C5    . DC  B 2 1  ? 1.186   -12.443 -13.912 1.00 56.84 ? 13   DC  B C5    1 
ATOM   259 C  C6    . DC  B 2 1  ? -0.040  -12.323 -14.399 1.00 57.41 ? 13   DC  B C6    1 
ATOM   260 P  P     . DG  B 2 2  ? -6.287  -11.312 -14.724 1.00 78.72 ? 14   DG  B P     1 
ATOM   261 O  OP1   . DG  B 2 2  ? -7.617  -11.637 -15.322 1.00 80.02 ? 14   DG  B OP1   1 
ATOM   262 O  OP2   . DG  B 2 2  ? -6.009  -9.874  -14.432 1.00 67.83 ? 14   DG  B OP2   1 
ATOM   263 O  "O5'" . DG  B 2 2  ? -6.147  -12.127 -13.362 1.00 66.40 ? 14   DG  B "O5'" 1 
ATOM   264 C  "C5'" . DG  B 2 2  ? -7.145  -12.972 -12.828 1.00 49.25 ? 14   DG  B "C5'" 1 
ATOM   265 C  "C4'" . DG  B 2 2  ? -6.931  -12.941 -11.319 1.00 42.76 ? 14   DG  B "C4'" 1 
ATOM   266 O  "O4'" . DG  B 2 2  ? -5.507  -12.973 -11.143 1.00 41.25 ? 14   DG  B "O4'" 1 
ATOM   267 C  "C3'" . DG  B 2 2  ? -7.464  -11.723 -10.588 1.00 36.43 ? 14   DG  B "C3'" 1 
ATOM   268 O  "O3'" . DG  B 2 2  ? -8.301  -12.106 -9.533  1.00 44.77 ? 14   DG  B "O3'" 1 
ATOM   269 C  "C2'" . DG  B 2 2  ? -6.260  -11.031 -10.024 1.00 38.66 ? 14   DG  B "C2'" 1 
ATOM   270 C  "C1'" . DG  B 2 2  ? -5.190  -12.048 -10.059 1.00 39.01 ? 14   DG  B "C1'" 1 
ATOM   271 N  N9    . DG  B 2 2  ? -3.853  -11.492 -10.342 1.00 27.42 ? 14   DG  B N9    1 
ATOM   272 C  C8    . DG  B 2 2  ? -3.427  -10.629 -11.271 1.00 25.35 ? 14   DG  B C8    1 
ATOM   273 N  N7    . DG  B 2 2  ? -2.142  -10.428 -11.180 1.00 23.89 ? 14   DG  B N7    1 
ATOM   274 C  C5    . DG  B 2 2  ? -1.682  -11.199 -10.141 1.00 30.47 ? 14   DG  B C5    1 
ATOM   275 C  C6    . DG  B 2 2  ? -0.376  -11.360 -9.615  1.00 41.96 ? 14   DG  B C6    1 
ATOM   276 O  O6    . DG  B 2 2  ? 0.641   -10.783 -10.026 1.00 59.03 ? 14   DG  B O6    1 
ATOM   277 N  N1    . DG  B 2 2  ? -0.332  -12.256 -8.544  1.00 41.01 ? 14   DG  B N1    1 
ATOM   278 C  C2    . DG  B 2 2  ? -1.441  -12.882 -8.096  1.00 39.82 ? 14   DG  B C2    1 
ATOM   279 N  N2    . DG  B 2 2  ? -1.311  -13.728 -7.063  1.00 42.98 ? 14   DG  B N2    1 
ATOM   280 N  N3    . DG  B 2 2  ? -2.667  -12.726 -8.592  1.00 39.34 ? 14   DG  B N3    1 
ATOM   281 C  C4    . DG  B 2 2  ? -2.735  -11.875 -9.611  1.00 32.67 ? 14   DG  B C4    1 
ATOM   282 P  P     . DC  B 2 3  ? -9.123  -11.049 -8.630  1.00 41.01 ? 15   DC  B P     1 
ATOM   283 O  OP1   . DC  B 2 3  ? -10.348 -11.701 -8.163  1.00 39.60 ? 15   DC  B OP1   1 
ATOM   284 O  OP2   . DC  B 2 3  ? -9.012  -9.697  -9.210  1.00 55.87 ? 15   DC  B OP2   1 
ATOM   285 O  "O5'" . DC  B 2 3  ? -8.214  -11.067 -7.291  1.00 45.40 ? 15   DC  B "O5'" 1 
ATOM   286 C  "C5'" . DC  B 2 3  ? -8.126  -12.333 -6.632  1.00 47.27 ? 15   DC  B "C5'" 1 
ATOM   287 C  "C4'" . DC  B 2 3  ? -6.980  -12.301 -5.671  1.00 45.42 ? 15   DC  B "C4'" 1 
ATOM   288 O  "O4'" . DC  B 2 3  ? -5.707  -12.216 -6.344  1.00 42.48 ? 15   DC  B "O4'" 1 
ATOM   289 C  "C3'" . DC  B 2 3  ? -7.055  -11.080 -4.773  1.00 47.46 ? 15   DC  B "C3'" 1 
ATOM   290 O  "O3'" . DC  B 2 3  ? -7.798  -11.466 -3.624  1.00 56.85 ? 15   DC  B "O3'" 1 
ATOM   291 C  "C2'" . DC  B 2 3  ? -5.622  -10.709 -4.495  1.00 46.73 ? 15   DC  B "C2'" 1 
ATOM   292 C  "C1'" . DC  B 2 3  ? -4.825  -11.338 -5.620  1.00 47.15 ? 15   DC  B "C1'" 1 
ATOM   293 N  N1    . DC  B 2 3  ? -4.234  -10.331 -6.554  1.00 45.40 ? 15   DC  B N1    1 
ATOM   294 C  C2    . DC  B 2 3  ? -2.853  -10.199 -6.588  1.00 39.85 ? 15   DC  B C2    1 
ATOM   295 O  O2    . DC  B 2 3  ? -2.066  -10.859 -5.907  1.00 51.28 ? 15   DC  B O2    1 
ATOM   296 N  N3    . DC  B 2 3  ? -2.325  -9.301  -7.434  1.00 31.16 ? 15   DC  B N3    1 
ATOM   297 C  C4    . DC  B 2 3  ? -3.100  -8.554  -8.193  1.00 37.72 ? 15   DC  B C4    1 
ATOM   298 N  N4    . DC  B 2 3  ? -2.482  -7.682  -8.994  1.00 38.85 ? 15   DC  B N4    1 
ATOM   299 C  C5    . DC  B 2 3  ? -4.523  -8.637  -8.202  1.00 42.58 ? 15   DC  B C5    1 
ATOM   300 C  C6    . DC  B 2 3  ? -5.019  -9.547  -7.355  1.00 44.13 ? 15   DC  B C6    1 
ATOM   301 P  P     . DA  B 2 4  ? -7.804  -10.480 -2.340  1.00 50.64 ? 16   DA  B P     1 
ATOM   302 O  OP1   . DA  B 2 4  ? -8.763  -11.018 -1.360  1.00 56.48 ? 16   DA  B OP1   1 
ATOM   303 O  OP2   . DA  B 2 4  ? -7.946  -9.067  -2.857  1.00 61.41 ? 16   DA  B OP2   1 
ATOM   304 O  "O5'" . DA  B 2 4  ? -6.310  -10.556 -1.785  1.00 41.84 ? 16   DA  B "O5'" 1 
ATOM   305 C  "C5'" . DA  B 2 4  ? -6.039  -11.648 -0.863  1.00 39.36 ? 16   DA  B "C5'" 1 
ATOM   306 C  "C4'" . DA  B 2 4  ? -4.608  -11.507 -0.381  1.00 38.47 ? 16   DA  B "C4'" 1 
ATOM   307 O  "O4'" . DA  B 2 4  ? -3.794  -10.966 -1.427  1.00 36.18 ? 16   DA  B "O4'" 1 
ATOM   308 C  "C3'" . DA  B 2 4  ? -4.441  -10.567 0.818   1.00 44.60 ? 16   DA  B "C3'" 1 
ATOM   309 O  "O3'" . DA  B 2 4  ? -3.842  -11.246 1.907   1.00 52.03 ? 16   DA  B "O3'" 1 
ATOM   310 C  "C2'" . DA  B 2 4  ? -3.569  -9.433  0.333   1.00 41.78 ? 16   DA  B "C2'" 1 
ATOM   311 C  "C1'" . DA  B 2 4  ? -2.932  -9.901  -0.941  1.00 41.76 ? 16   DA  B "C1'" 1 
ATOM   312 N  N9    . DA  B 2 4  ? -2.845  -8.893  -1.992  1.00 35.81 ? 16   DA  B N9    1 
ATOM   313 C  C8    . DA  B 2 4  ? -3.964  -8.173  -2.354  1.00 35.20 ? 16   DA  B C8    1 
ATOM   314 N  N7    . DA  B 2 4  ? -3.709  -7.336  -3.318  1.00 36.59 ? 16   DA  B N7    1 
ATOM   315 C  C5    . DA  B 2 4  ? -2.370  -7.520  -3.609  1.00 33.26 ? 16   DA  B C5    1 
ATOM   316 C  C6    . DA  B 2 4  ? -1.569  -6.900  -4.559  1.00 32.22 ? 16   DA  B C6    1 
ATOM   317 N  N6    . DA  B 2 4  ? -1.936  -5.948  -5.393  1.00 37.48 ? 16   DA  B N6    1 
ATOM   318 N  N1    . DA  B 2 4  ? -0.285  -7.280  -4.626  1.00 38.67 ? 16   DA  B N1    1 
ATOM   319 C  C2    . DA  B 2 4  ? 0.109   -8.223  -3.782  1.00 35.39 ? 16   DA  B C2    1 
ATOM   320 N  N3    . DA  B 2 4  ? -0.531  -8.895  -2.849  1.00 35.69 ? 16   DA  B N3    1 
ATOM   321 C  C4    . DA  B 2 4  ? -1.826  -8.505  -2.781  1.00 38.99 ? 16   DA  B C4    1 
ATOM   322 P  P     . DA  B 2 5  ? -3.126  -10.359 3.050   1.00 58.37 ? 17   DA  B P     1 
ATOM   323 O  OP1   . DA  B 2 5  ? -2.926  -11.203 4.254   1.00 58.19 ? 17   DA  B OP1   1 
ATOM   324 O  OP2   . DA  B 2 5  ? -3.939  -9.101  3.087   1.00 68.03 ? 17   DA  B OP2   1 
ATOM   325 O  "O5'" . DA  B 2 5  ? -1.685  -9.953  2.515   1.00 51.85 ? 17   DA  B "O5'" 1 
ATOM   326 C  "C5'" . DA  B 2 5  ? -0.895  -10.791 1.707   1.00 55.06 ? 17   DA  B "C5'" 1 
ATOM   327 C  "C4'" . DA  B 2 5  ? 0.486   -10.197 1.546   1.00 61.00 ? 17   DA  B "C4'" 1 
ATOM   328 O  "O4'" . DA  B 2 5  ? 0.552   -9.264  0.454   1.00 59.43 ? 17   DA  B "O4'" 1 
ATOM   329 C  "C3'" . DA  B 2 5  ? 0.979   -9.371  2.730   1.00 63.46 ? 17   DA  B "C3'" 1 
ATOM   330 O  "O3'" . DA  B 2 5  ? 2.348   -9.716  2.910   1.00 63.33 ? 17   DA  B "O3'" 1 
ATOM   331 C  "C2'" . DA  B 2 5  ? 0.778   -7.933  2.363   1.00 67.41 ? 17   DA  B "C2'" 1 
ATOM   332 C  "C1'" . DA  B 2 5  ? 0.869   -7.911  0.866   1.00 59.50 ? 17   DA  B "C1'" 1 
ATOM   333 N  N9    . DA  B 2 5  ? -0.081  -7.024  0.198   1.00 46.07 ? 17   DA  B N9    1 
ATOM   334 C  C8    . DA  B 2 5  ? -1.395  -6.974  0.646   1.00 35.56 ? 17   DA  B C8    1 
ATOM   335 N  N7    . DA  B 2 5  ? -2.105  -6.162  -0.084  1.00 32.81 ? 17   DA  B N7    1 
ATOM   336 C  C5    . DA  B 2 5  ? -1.199  -5.692  -1.044  1.00 29.23 ? 17   DA  B C5    1 
ATOM   337 C  C6    . DA  B 2 5  ? -1.417  -4.771  -2.053  1.00 40.17 ? 17   DA  B C6    1 
ATOM   338 N  N6    . DA  B 2 5  ? -2.602  -4.207  -2.284  1.00 50.22 ? 17   DA  B N6    1 
ATOM   339 N  N1    . DA  B 2 5  ? -0.373  -4.484  -2.841  1.00 46.84 ? 17   DA  B N1    1 
ATOM   340 C  C2    . DA  B 2 5  ? 0.818   -5.062  -2.615  1.00 41.17 ? 17   DA  B C2    1 
ATOM   341 N  N3    . DA  B 2 5  ? 1.108   -5.936  -1.656  1.00 37.59 ? 17   DA  B N3    1 
ATOM   342 C  C4    . DA  B 2 5  ? 0.062   -6.224  -0.878  1.00 31.04 ? 17   DA  B C4    1 
ATOM   343 P  P     . DA  B 2 6  ? 3.202   -8.839  3.960   1.00 62.08 ? 18   DA  B P     1 
ATOM   344 O  OP1   . DA  B 2 6  ? 4.391   -9.618  4.351   1.00 55.23 ? 18   DA  B OP1   1 
ATOM   345 O  OP2   . DA  B 2 6  ? 2.254   -8.319  4.998   1.00 43.13 ? 18   DA  B OP2   1 
ATOM   346 O  "O5'" . DA  B 2 6  ? 3.642   -7.573  3.079   1.00 60.43 ? 18   DA  B "O5'" 1 
ATOM   347 C  "C5'" . DA  B 2 6  ? 4.513   -7.807  1.969   1.00 56.33 ? 18   DA  B "C5'" 1 
ATOM   348 C  "C4'" . DA  B 2 6  ? 4.966   -6.484  1.418   1.00 52.06 ? 18   DA  B "C4'" 1 
ATOM   349 O  "O4'" . DA  B 2 6  ? 3.827   -5.855  0.791   1.00 40.60 ? 18   DA  B "O4'" 1 
ATOM   350 C  "C3'" . DA  B 2 6  ? 5.483   -5.451  2.415   1.00 54.30 ? 18   DA  B "C3'" 1 
ATOM   351 O  "O3'" . DA  B 2 6  ? 6.775   -5.029  2.052   1.00 54.91 ? 18   DA  B "O3'" 1 
ATOM   352 C  "C2'" . DA  B 2 6  ? 4.561   -4.258  2.351   1.00 52.22 ? 18   DA  B "C2'" 1 
ATOM   353 C  "C1'" . DA  B 2 6  ? 3.909   -4.430  0.999   1.00 39.82 ? 18   DA  B "C1'" 1 
ATOM   354 N  N9    . DA  B 2 6  ? 2.556   -3.892  0.922   1.00 45.53 ? 18   DA  B N9    1 
ATOM   355 C  C8    . DA  B 2 6  ? 1.612   -4.304  1.855   1.00 45.62 ? 18   DA  B C8    1 
ATOM   356 N  N7    . DA  B 2 6  ? 0.470   -3.735  1.641   1.00 46.37 ? 18   DA  B N7    1 
ATOM   357 C  C5    . DA  B 2 6  ? 0.692   -2.957  0.510   1.00 44.37 ? 18   DA  B C5    1 
ATOM   358 C  C6    . DA  B 2 6  ? -0.196  -2.123  -0.188  1.00 42.77 ? 18   DA  B C6    1 
ATOM   359 N  N6    . DA  B 2 6  ? -1.445  -2.010  0.225   1.00 46.97 ? 18   DA  B N6    1 
ATOM   360 N  N1    . DA  B 2 6  ? 0.283   -1.474  -1.257  1.00 45.11 ? 18   DA  B N1    1 
ATOM   361 C  C2    . DA  B 2 6  ? 1.581   -1.638  -1.618  1.00 38.88 ? 18   DA  B C2    1 
ATOM   362 N  N3    . DA  B 2 6  ? 2.509   -2.398  -1.032  1.00 33.17 ? 18   DA  B N3    1 
ATOM   363 C  C4    . DA  B 2 6  ? 1.998   -3.038  0.039   1.00 35.20 ? 18   DA  B C4    1 
ATOM   364 P  P     . DT  B 2 7  ? 7.487   -3.751  2.746   1.00 53.47 ? 19   DT  B P     1 
ATOM   365 O  OP1   . DT  B 2 7  ? 8.895   -3.927  2.348   1.00 46.62 ? 19   DT  B OP1   1 
ATOM   366 O  OP2   . DT  B 2 7  ? 6.897   -3.549  4.069   1.00 48.34 ? 19   DT  B OP2   1 
ATOM   367 O  "O5'" . DT  B 2 7  ? 6.959   -2.500  1.903   1.00 54.49 ? 19   DT  B "O5'" 1 
ATOM   368 C  "C5'" . DT  B 2 7  ? 7.386   -2.475  0.530   1.00 53.61 ? 19   DT  B "C5'" 1 
ATOM   369 C  "C4'" . DT  B 2 7  ? 6.864   -1.146  0.036   1.00 55.73 ? 19   DT  B "C4'" 1 
ATOM   370 O  "O4'" . DT  B 2 7  ? 5.439   -1.181  0.181   1.00 57.25 ? 19   DT  B "O4'" 1 
ATOM   371 C  "C3'" . DT  B 2 7  ? 7.390   0.061   0.807   1.00 56.06 ? 19   DT  B "C3'" 1 
ATOM   372 O  "O3'" . DT  B 2 7  ? 8.126   0.905   -0.068  1.00 52.09 ? 19   DT  B "O3'" 1 
ATOM   373 C  "C2'" . DT  B 2 7  ? 6.152   0.721   1.373   1.00 56.33 ? 19   DT  B "C2'" 1 
ATOM   374 C  "C1'" . DT  B 2 7  ? 5.017   0.134   0.558   1.00 57.46 ? 19   DT  B "C1'" 1 
ATOM   375 N  N1    . DT  B 2 7  ? 3.707   0.003   1.253   1.00 48.78 ? 19   DT  B N1    1 
ATOM   376 C  C2    . DT  B 2 7  ? 2.698   0.813   0.772   1.00 40.41 ? 19   DT  B C2    1 
ATOM   377 O  O2    . DT  B 2 7  ? 2.839   1.600   -0.143  1.00 52.09 ? 19   DT  B O2    1 
ATOM   378 N  N3    . DT  B 2 7  ? 1.558   0.641   1.456   1.00 39.78 ? 19   DT  B N3    1 
ATOM   379 C  C4    . DT  B 2 7  ? 1.220   -0.169  2.504   1.00 45.43 ? 19   DT  B C4    1 
ATOM   380 O  O4    . DT  B 2 7  ? 0.084   -0.186  2.980   1.00 44.98 ? 19   DT  B O4    1 
ATOM   381 C  C5    . DT  B 2 7  ? 2.322   -1.000  2.934   1.00 43.16 ? 19   DT  B C5    1 
ATOM   382 C  C7    . DT  B 2 7  ? 2.011   -1.917  4.087   1.00 38.46 ? 19   DT  B C7    1 
ATOM   383 C  C6    . DT  B 2 7  ? 3.494   -0.863  2.297   1.00 39.51 ? 19   DT  B C6    1 
ATOM   384 P  P     . DA  B 2 8  ? 8.647   2.341   0.420   1.00 54.72 ? 20   DA  B P     1 
ATOM   385 O  OP1   . DA  B 2 8  ? 9.921   2.694   -0.258  1.00 66.05 ? 20   DA  B OP1   1 
ATOM   386 O  OP2   . DA  B 2 8  ? 8.687   2.273   1.914   1.00 48.50 ? 20   DA  B OP2   1 
ATOM   387 O  "O5'" . DA  B 2 8  ? 7.582   3.408   -0.110  1.00 46.66 ? 20   DA  B "O5'" 1 
ATOM   388 C  "C5'" . DA  B 2 8  ? 7.068   3.276   -1.427  1.00 47.74 ? 20   DA  B "C5'" 1 
ATOM   389 C  "C4'" . DA  B 2 8  ? 5.963   4.264   -1.691  1.00 49.52 ? 20   DA  B "C4'" 1 
ATOM   390 O  "O4'" . DA  B 2 8  ? 4.727   3.886   -1.007  1.00 43.70 ? 20   DA  B "O4'" 1 
ATOM   391 C  "C3'" . DA  B 2 8  ? 6.241   5.689   -1.219  1.00 46.49 ? 20   DA  B "C3'" 1 
ATOM   392 O  "O3'" . DA  B 2 8  ? 5.841   6.530   -2.285  1.00 47.83 ? 20   DA  B "O3'" 1 
ATOM   393 C  "C2'" . DA  B 2 8  ? 5.438   5.826   0.042   1.00 49.45 ? 20   DA  B "C2'" 1 
ATOM   394 C  "C1'" . DA  B 2 8  ? 4.206   5.000   -0.274  1.00 45.77 ? 20   DA  B "C1'" 1 
ATOM   395 N  N9    . DA  B 2 8  ? 3.489   4.507   0.894   1.00 45.69 ? 20   DA  B N9    1 
ATOM   396 C  C8    . DA  B 2 8  ? 4.131   3.786   1.870   1.00 55.13 ? 20   DA  B C8    1 
ATOM   397 N  N7    . DA  B 2 8  ? 3.337   3.416   2.841   1.00 57.70 ? 20   DA  B N7    1 
ATOM   398 C  C5    . DA  B 2 8  ? 2.097   3.933   2.458   1.00 48.65 ? 20   DA  B C5    1 
ATOM   399 C  C6    . DA  B 2 8  ? 0.871   3.850   3.107   1.00 52.66 ? 20   DA  B C6    1 
ATOM   400 N  N6    . DA  B 2 8  ? 0.719   3.220   4.278   1.00 69.24 ? 20   DA  B N6    1 
ATOM   401 N  N1    . DA  B 2 8  ? -0.207  4.454   2.541   1.00 53.86 ? 20   DA  B N1    1 
ATOM   402 C  C2    . DA  B 2 8  ? 0.009   5.064   1.386   1.00 51.47 ? 20   DA  B C2    1 
ATOM   403 N  N3    . DA  B 2 8  ? 1.131   5.208   0.681   1.00 49.80 ? 20   DA  B N3    1 
ATOM   404 C  C4    . DA  B 2 8  ? 2.191   4.616   1.255   1.00 45.09 ? 20   DA  B C4    1 
ATOM   405 P  P     . DT  B 2 9  ? 6.232   8.093   -2.273  1.00 54.18 ? 21   DT  B P     1 
ATOM   406 O  OP1   . DT  B 2 9  ? 7.066   8.442   -3.442  1.00 78.62 ? 21   DT  B OP1   1 
ATOM   407 O  OP2   . DT  B 2 9  ? 6.711   8.399   -0.898  1.00 60.45 ? 21   DT  B OP2   1 
ATOM   408 O  "O5'" . DT  B 2 9  ? 4.789   8.774   -2.517  1.00 49.54 ? 21   DT  B "O5'" 1 
ATOM   409 C  "C5'" . DT  B 2 9  ? 3.576   8.096   -2.287  1.00 43.18 ? 21   DT  B "C5'" 1 
ATOM   410 C  "C4'" . DT  B 2 9  ? 2.444   8.970   -1.820  1.00 46.46 ? 21   DT  B "C4'" 1 
ATOM   411 O  "O4'" . DT  B 2 9  ? 1.869   8.310   -0.658  1.00 44.16 ? 21   DT  B "O4'" 1 
ATOM   412 C  "C3'" . DT  B 2 9  ? 2.774   10.408  -1.392  1.00 40.43 ? 21   DT  B "C3'" 1 
ATOM   413 O  "O3'" . DT  B 2 9  ? 1.900   11.277  -2.093  1.00 57.29 ? 21   DT  B "O3'" 1 
ATOM   414 C  "C2'" . DT  B 2 9  ? 2.585   10.446  0.091   1.00 42.07 ? 21   DT  B "C2'" 1 
ATOM   415 C  "C1'" . DT  B 2 9  ? 1.628   9.343   0.363   1.00 48.32 ? 21   DT  B "C1'" 1 
ATOM   416 N  N1    . DT  B 2 9  ? 1.730   8.609   1.655   1.00 40.38 ? 21   DT  B N1    1 
ATOM   417 C  C2    . DT  B 2 9  ? 0.499   8.226   2.170   1.00 43.50 ? 21   DT  B C2    1 
ATOM   418 O  O2    . DT  B 2 9  ? -0.488  8.562   1.520   1.00 42.33 ? 21   DT  B O2    1 
ATOM   419 N  N3    . DT  B 2 9  ? 0.614   7.516   3.315   1.00 39.60 ? 21   DT  B N3    1 
ATOM   420 C  C4    . DT  B 2 9  ? 1.746   7.142   3.986   1.00 39.75 ? 21   DT  B C4    1 
ATOM   421 O  O4    . DT  B 2 9  ? 1.552   6.509   5.009   1.00 50.93 ? 21   DT  B O4    1 
ATOM   422 C  C5    . DT  B 2 9  ? 2.989   7.559   3.383   1.00 46.55 ? 21   DT  B C5    1 
ATOM   423 C  C7    . DT  B 2 9  ? 4.279   7.176   4.059   1.00 41.80 ? 21   DT  B C7    1 
ATOM   424 C  C6    . DT  B 2 9  ? 2.916   8.256   2.236   1.00 39.55 ? 21   DT  B C6    1 
ATOM   425 P  P     . DG  B 2 10 ? 2.047   12.880  -2.096  1.00 67.60 ? 22   DG  B P     1 
ATOM   426 O  OP1   . DG  B 2 10 ? 1.256   13.456  -3.202  1.00 61.24 ? 22   DG  B OP1   1 
ATOM   427 O  OP2   . DG  B 2 10 ? 3.480   13.235  -1.905  1.00 74.73 ? 22   DG  B OP2   1 
ATOM   428 O  "O5'" . DG  B 2 10 ? 1.242   13.287  -0.759  1.00 59.33 ? 22   DG  B "O5'" 1 
ATOM   429 C  "C5'" . DG  B 2 10 ? -0.187  13.137  -0.824  1.00 55.78 ? 22   DG  B "C5'" 1 
ATOM   430 C  "C4'" . DG  B 2 10 ? -0.736  13.452  0.551   1.00 60.42 ? 22   DG  B "C4'" 1 
ATOM   431 O  "O4'" . DG  B 2 10 ? -0.349  12.426  1.499   1.00 62.65 ? 22   DG  B "O4'" 1 
ATOM   432 C  "C3'" . DG  B 2 10 ? -0.246  14.753  1.191   1.00 56.27 ? 22   DG  B "C3'" 1 
ATOM   433 O  "O3'" . DG  B 2 10 ? -1.331  15.421  1.787   1.00 52.91 ? 22   DG  B "O3'" 1 
ATOM   434 C  "C2'" . DG  B 2 10 ? 0.798   14.323  2.208   1.00 57.77 ? 22   DG  B "C2'" 1 
ATOM   435 C  "C1'" . DG  B 2 10 ? 0.092   13.101  2.697   1.00 61.12 ? 22   DG  B "C1'" 1 
ATOM   436 N  N9    . DG  B 2 10 ? 0.957   12.210  3.484   1.00 58.61 ? 22   DG  B N9    1 
ATOM   437 C  C8    . DG  B 2 10 ? 2.308   12.017  3.464   1.00 51.76 ? 22   DG  B C8    1 
ATOM   438 N  N7    . DG  B 2 10 ? 2.681   11.119  4.329   1.00 51.43 ? 22   DG  B N7    1 
ATOM   439 C  C5    . DG  B 2 10 ? 1.506   10.674  4.959   1.00 55.36 ? 22   DG  B C5    1 
ATOM   440 C  C6    . DG  B 2 10 ? 1.212   9.723   5.975   1.00 53.77 ? 22   DG  B C6    1 
ATOM   441 O  O6    . DG  B 2 10 ? 1.926   8.957   6.648   1.00 44.79 ? 22   DG  B O6    1 
ATOM   442 N  N1    . DG  B 2 10 ? -0.151  9.666   6.244   1.00 56.98 ? 22   DG  B N1    1 
ATOM   443 C  C2    . DG  B 2 10 ? -1.139  10.403  5.639   1.00 56.03 ? 22   DG  B C2    1 
ATOM   444 N  N2    . DG  B 2 10 ? -2.399  10.192  6.045   1.00 67.07 ? 22   DG  B N2    1 
ATOM   445 N  N3    . DG  B 2 10 ? -0.894  11.287  4.697   1.00 55.09 ? 22   DG  B N3    1 
ATOM   446 C  C4    . DG  B 2 10 ? 0.429   11.347  4.437   1.00 56.92 ? 22   DG  B C4    1 
ATOM   447 P  P     . DC  B 2 11 ? -1.324  17.018  2.030   1.00 61.63 ? 23   DC  B P     1 
ATOM   448 O  OP1   . DC  B 2 11 ? -1.684  17.677  0.748   1.00 67.78 ? 23   DC  B OP1   1 
ATOM   449 O  OP2   . DC  B 2 11 ? -0.095  17.378  2.769   1.00 51.98 ? 23   DC  B OP2   1 
ATOM   450 O  "O5'" . DC  B 2 11 ? -2.571  17.195  3.025   1.00 56.52 ? 23   DC  B "O5'" 1 
ATOM   451 C  "C5'" . DC  B 2 11 ? -3.616  16.208  2.871   1.00 61.04 ? 23   DC  B "C5'" 1 
ATOM   452 C  "C4'" . DC  B 2 11 ? -4.278  16.104  4.225   1.00 63.76 ? 23   DC  B "C4'" 1 
ATOM   453 O  "O4'" . DC  B 2 11 ? -3.718  14.984  4.934   1.00 65.55 ? 23   DC  B "O4'" 1 
ATOM   454 C  "C3'" . DC  B 2 11 ? -4.072  17.344  5.080   1.00 60.71 ? 23   DC  B "C3'" 1 
ATOM   455 O  "O3'" . DC  B 2 11 ? -5.289  17.838  5.633   1.00 69.54 ? 23   DC  B "O3'" 1 
ATOM   456 C  "C2'" . DC  B 2 11 ? -3.186  16.901  6.193   1.00 54.53 ? 23   DC  B "C2'" 1 
ATOM   457 C  "C1'" . DC  B 2 11 ? -3.222  15.387  6.196   1.00 53.65 ? 23   DC  B "C1'" 1 
ATOM   458 N  N1    . DC  B 2 11 ? -1.868  14.789  6.447   1.00 35.87 ? 23   DC  B N1    1 
ATOM   459 C  C2    . DC  B 2 11 ? -1.851  13.674  7.306   1.00 39.62 ? 23   DC  B C2    1 
ATOM   460 O  O2    . DC  B 2 11 ? -2.985  13.382  7.706   1.00 39.67 ? 23   DC  B O2    1 
ATOM   461 N  N3    . DC  B 2 11 ? -0.685  13.049  7.604   1.00 37.50 ? 23   DC  B N3    1 
ATOM   462 C  C4    . DC  B 2 11 ? 0.434   13.551  7.059   1.00 35.96 ? 23   DC  B C4    1 
ATOM   463 N  N4    . DC  B 2 11 ? 1.534   12.905  7.393   1.00 34.53 ? 23   DC  B N4    1 
ATOM   464 C  C5    . DC  B 2 11 ? 0.459   14.677  6.182   1.00 34.40 ? 23   DC  B C5    1 
ATOM   465 C  C6    . DC  B 2 11 ? -0.730  15.272  5.918   1.00 29.47 ? 23   DC  B C6    1 
ATOM   466 P  P     . DG  B 2 12 ? -5.216  19.014  6.752   1.00 66.64 ? 24   DG  B P     1 
ATOM   467 O  OP1   . DG  B 2 12 ? -6.334  19.976  6.555   1.00 71.83 ? 24   DG  B OP1   1 
ATOM   468 O  OP2   . DG  B 2 12 ? -3.837  19.567  6.739   1.00 74.36 ? 24   DG  B OP2   1 
ATOM   469 O  "O5'" . DG  B 2 12 ? -5.483  18.154  8.070   1.00 51.32 ? 24   DG  B "O5'" 1 
ATOM   470 C  "C5'" . DG  B 2 12 ? -6.731  17.466  8.244   1.00 48.84 ? 24   DG  B "C5'" 1 
ATOM   471 C  "C4'" . DG  B 2 12 ? -6.637  16.814  9.614   1.00 51.59 ? 24   DG  B "C4'" 1 
ATOM   472 O  "O4'" . DG  B 2 12 ? -5.593  15.815  9.533   1.00 51.24 ? 24   DG  B "O4'" 1 
ATOM   473 C  "C3'" . DG  B 2 12 ? -6.258  17.694  10.783  1.00 43.95 ? 24   DG  B "C3'" 1 
ATOM   474 O  "O3'" . DG  B 2 12 ? -7.201  17.699  11.833  1.00 30.05 ? 24   DG  B "O3'" 1 
ATOM   475 C  "C2'" . DG  B 2 12 ? -5.101  17.089  11.510  1.00 44.17 ? 24   DG  B "C2'" 1 
ATOM   476 C  "C1'" . DG  B 2 12 ? -4.769  15.851  10.669  1.00 40.43 ? 24   DG  B "C1'" 1 
ATOM   477 N  N9    . DG  B 2 12 ? -3.338  15.946  10.298  1.00 35.21 ? 24   DG  B N9    1 
ATOM   478 C  C8    . DG  B 2 12 ? -2.722  16.792  9.453   1.00 34.42 ? 24   DG  B C8    1 
ATOM   479 N  N7    . DG  B 2 12 ? -1.440  16.561  9.391   1.00 42.60 ? 24   DG  B N7    1 
ATOM   480 C  C5    . DG  B 2 12 ? -1.249  15.508  10.258  1.00 41.75 ? 24   DG  B C5    1 
ATOM   481 C  C6    . DG  B 2 12 ? -0.031  14.862  10.571  1.00 43.71 ? 24   DG  B C6    1 
ATOM   482 O  O6    . DG  B 2 12 ? 1.014   15.214  10.057  1.00 39.07 ? 24   DG  B O6    1 
ATOM   483 N  N1    . DG  B 2 12 ? -0.237  13.846  11.476  1.00 45.59 ? 24   DG  B N1    1 
ATOM   484 C  C2    . DG  B 2 12 ? -1.444  13.499  12.018  1.00 37.46 ? 24   DG  B C2    1 
ATOM   485 N  N2    . DG  B 2 12 ? -1.397  12.473  12.885  1.00 29.71 ? 24   DG  B N2    1 
ATOM   486 N  N3    . DG  B 2 12 ? -2.589  14.081  11.742  1.00 36.26 ? 24   DG  B N3    1 
ATOM   487 C  C4    . DG  B 2 12 ? -2.391  15.088  10.848  1.00 40.20 ? 24   DG  B C4    1 
HETATM 488 O  O     . HOH C 3 .  ? -4.310  -3.106  -6.054  1.00 41.53 ? 1001 HOH A O     1 
HETATM 489 O  O     . HOH C 3 .  ? 4.311   -9.137  -1.320  1.00 63.53 ? 1002 HOH A O     1 
HETATM 490 O  O     . HOH C 3 .  ? 1.080   5.277   -2.307  1.00 56.59 ? 1003 HOH A O     1 
HETATM 491 O  O     . HOH C 3 .  ? 5.838   12.938  7.705   1.00 56.41 ? 1006 HOH A O     1 
HETATM 492 O  O     . HOH C 3 .  ? -7.927  -0.581  12.916  1.00 67.72 ? 1007 HOH A O     1 
HETATM 493 O  O     . HOH C 3 .  ? 13.166  -6.519  -7.946  1.00 47.01 ? 1009 HOH A O     1 
HETATM 494 O  O     . HOH C 3 .  ? -4.106  3.525   -7.336  1.00 37.93 ? 1011 HOH A O     1 
HETATM 495 O  O     . HOH C 3 .  ? 9.843   -11.132 -1.852  1.00 51.48 ? 1012 HOH A O     1 
HETATM 496 O  O     . HOH C 3 .  ? -2.441  8.071   -0.041  1.00 57.61 ? 1013 HOH A O     1 
HETATM 497 O  O     . HOH C 3 .  ? 8.322   -5.996  -1.280  1.00 53.13 ? 1015 HOH A O     1 
HETATM 498 O  O     . HOH C 3 .  ? 5.481   0.513   -2.929  1.00 60.40 ? 1023 HOH A O     1 
HETATM 499 O  O     . HOH C 3 .  ? 6.197   -7.777  -12.540 1.00 43.65 ? 1024 HOH A O     1 
HETATM 500 O  O     . HOH C 3 .  ? 6.039   2.003   -10.966 1.00 64.75 ? 1025 HOH A O     1 
HETATM 501 O  O     . HOH C 3 .  ? -2.110  2.010   7.996   1.00 58.51 ? 1027 HOH A O     1 
HETATM 502 O  O     . HOH C 3 .  ? 9.813   0.489   -4.251  1.00 60.06 ? 1032 HOH A O     1 
HETATM 503 O  O     . HOH C 3 .  ? -4.570  2.430   19.283  1.00 57.29 ? 1036 HOH A O     1 
HETATM 504 O  O     . HOH C 3 .  ? 2.827   2.123   12.580  0.50 43.91 ? 1040 HOH A O     1 
HETATM 505 O  O     . HOH C 3 .  ? -5.674  0.794   14.463  1.00 65.56 ? 1043 HOH A O     1 
HETATM 506 O  O     . HOH C 3 .  ? 6.167   -3.978  -2.157  0.50 28.91 ? 1044 HOH A O     1 
HETATM 507 O  O     . HOH C 3 .  ? 3.800   -10.630 -3.887  1.00 64.38 ? 1048 HOH A O     1 
HETATM 508 O  O     . HOH C 3 .  ? -6.496  0.593   0.357   0.50 32.68 ? 1050 HOH A O     1 
HETATM 509 O  O     . HOH C 3 .  ? -8.718  4.159   14.634  0.50 43.88 ? 1052 HOH A O     1 
HETATM 510 O  O     . HOH C 3 .  ? 11.958  -11.049 -5.931  0.50 27.19 ? 1053 HOH A O     1 
HETATM 511 O  O     . HOH C 3 .  ? 9.626   0.110   -11.166 0.50 59.76 ? 1055 HOH A O     1 
HETATM 512 O  O     . HOH C 3 .  ? 1.649   9.864   -7.518  0.50 45.99 ? 1056 HOH A O     1 
HETATM 513 O  O     . HOH C 3 .  ? 0.790   2.569   14.966  1.00 51.66 ? 1057 HOH A O     1 
HETATM 514 O  O     . HOH C 3 .  ? 2.435   -18.718 1.148   0.50 62.34 ? 1058 HOH A O     1 
HETATM 515 O  O     . HOH C 3 .  ? 9.603   -15.171 0.864   1.00 41.91 ? 1060 HOH A O     1 
HETATM 516 O  O     . HOH C 3 .  ? 7.084   5.993   17.067  0.50 33.08 ? 1063 HOH A O     1 
HETATM 517 O  O     . HOH C 3 .  ? -12.023 0.754   11.434  0.50 47.95 ? 1065 HOH A O     1 
HETATM 518 O  O     . HOH C 3 .  ? -4.532  10.500  -5.263  0.50 48.79 ? 1066 HOH A O     1 
HETATM 519 O  O     . HOH C 3 .  ? -4.964  -0.256  -8.901  0.50 32.43 ? 1072 HOH A O     1 
HETATM 520 O  O     . HOH C 3 .  ? 8.731   -16.363 -5.792  0.50 46.44 ? 1075 HOH A O     1 
HETATM 521 O  O     . HOH C 3 .  ? -9.209  12.063  -4.496  0.50 34.08 ? 1076 HOH A O     1 
HETATM 522 O  O     . HOH C 3 .  ? 3.609   5.348   7.372   0.50 31.23 ? 1078 HOH A O     1 
HETATM 523 O  O     . HOH C 3 .  ? 7.848   -9.349  -11.110 0.50 32.88 ? 1079 HOH A O     1 
HETATM 524 O  O     . HOH C 3 .  ? -8.712  9.739   -2.089  0.50 53.90 ? 1081 HOH A O     1 
HETATM 525 O  O     . HOH C 3 .  ? 5.472   5.874   12.159  0.50 36.46 ? 1082 HOH A O     1 
HETATM 526 O  O     . HOH C 3 .  ? -6.671  -3.056  -10.199 0.50 49.48 ? 1083 HOH A O     1 
HETATM 527 O  O     . HOH C 3 .  ? -6.244  -2.150  -2.403  0.50 40.21 ? 1084 HOH A O     1 
HETATM 528 O  O     . HOH C 3 .  ? 11.796  -15.313 -6.534  0.50 54.54 ? 1087 HOH A O     1 
HETATM 529 O  O     . HOH C 3 .  ? 8.384   -17.458 -5.401  0.50 46.55 ? 1090 HOH A O     1 
HETATM 530 O  O     . HOH C 3 .  ? 6.848   10.958  9.377   0.50 42.10 ? 1092 HOH A O     1 
HETATM 531 O  O     . HOH C 3 .  ? -7.755  9.396   -3.856  0.50 51.65 ? 1093 HOH A O     1 
HETATM 532 O  O     . HOH C 3 .  ? 4.318   4.082   8.899   0.50 52.48 ? 1094 HOH A O     1 
HETATM 533 O  O     . HOH C 3 .  ? -0.181  -2.447  -11.096 0.50 44.88 ? 1095 HOH A O     1 
HETATM 534 O  O     . HOH C 3 .  ? 10.791  -11.016 0.386   0.50 53.30 ? 1096 HOH A O     1 
HETATM 535 O  O     . HOH C 3 .  ? 7.685   -7.074  -9.611  0.50 51.20 ? 1098 HOH A O     1 
HETATM 536 O  O     . HOH C 3 .  ? -7.204  4.472   16.634  0.50 62.02 ? 1102 HOH A O     1 
HETATM 537 O  O     . HOH C 3 .  ? -3.630  -1.119  9.298   0.50 41.07 ? 1105 HOH A O     1 
HETATM 538 O  O     . HOH D 3 .  ? 3.148   4.564   -3.919  1.00 54.73 ? 1004 HOH B O     1 
HETATM 539 O  O     . HOH D 3 .  ? -3.204  10.584  2.474   1.00 46.49 ? 1005 HOH B O     1 
HETATM 540 O  O     . HOH D 3 .  ? 6.833   9.506   5.905   1.00 50.15 ? 1008 HOH B O     1 
HETATM 541 O  O     . HOH D 3 .  ? -8.996  20.636  6.452   1.00 65.31 ? 1010 HOH B O     1 
HETATM 542 O  O     . HOH D 3 .  ? 4.383   -3.289  7.000   1.00 64.53 ? 1014 HOH B O     1 
HETATM 543 O  O     . HOH D 3 .  ? 9.931   6.249   -0.420  1.00 52.34 ? 1016 HOH B O     1 
HETATM 544 O  O     . HOH D 3 .  ? -3.617  -9.341  -17.476 1.00 55.60 ? 1017 HOH B O     1 
HETATM 545 O  O     . HOH D 3 .  ? 4.250   12.505  1.115   1.00 42.91 ? 1018 HOH B O     1 
HETATM 546 O  O     . HOH D 3 .  ? -1.280  -0.346  4.823   1.00 40.83 ? 1019 HOH B O     1 
HETATM 547 O  O     . HOH D 3 .  ? 8.047   11.994  4.171   1.00 61.09 ? 1020 HOH B O     1 
HETATM 548 O  O     . HOH D 3 .  ? -1.623  -4.536  5.873   1.00 40.62 ? 1021 HOH B O     1 
HETATM 549 O  O     . HOH D 3 .  ? -4.287  -5.044  0.378   1.00 46.38 ? 1022 HOH B O     1 
HETATM 550 O  O     . HOH D 3 .  ? 8.325   14.182  4.819   1.00 59.34 ? 1026 HOH B O     1 
HETATM 551 O  O     . HOH D 3 .  ? 2.370   16.583  -0.542  1.00 55.55 ? 1028 HOH B O     1 
HETATM 552 O  O     . HOH D 3 .  ? -4.564  -5.157  5.729   1.00 64.59 ? 1029 HOH B O     1 
HETATM 553 O  O     . HOH D 3 .  ? 4.446   8.056   6.838   1.00 51.96 ? 1030 HOH B O     1 
HETATM 554 O  O     . HOH D 3 .  ? 6.297   7.074   8.986   1.00 56.96 ? 1031 HOH B O     1 
HETATM 555 O  O     . HOH D 3 .  ? 13.573  0.290   -2.508  1.00 52.41 ? 1033 HOH B O     1 
HETATM 556 O  O     . HOH D 3 .  ? -3.451  -3.357  2.469   1.00 52.91 ? 1034 HOH B O     1 
HETATM 557 O  O     . HOH D 3 .  ? 2.517   1.028   6.227   1.00 56.32 ? 1035 HOH B O     1 
HETATM 558 O  O     . HOH D 3 .  ? 10.683  5.406   2.121   1.00 59.56 ? 1037 HOH B O     1 
HETATM 559 O  O     . HOH D 3 .  ? -4.467  -13.921 3.762   1.00 63.12 ? 1038 HOH B O     1 
HETATM 560 O  O     . HOH D 3 .  ? -1.987  -8.213  -12.363 1.00 59.08 ? 1039 HOH B O     1 
HETATM 561 O  O     . HOH D 3 .  ? 6.787   6.495   3.024   0.50 70.50 ? 1041 HOH B O     1 
HETATM 562 O  O     . HOH D 3 .  ? -7.776  -7.688  -5.160  1.00 50.61 ? 1042 HOH B O     1 
HETATM 563 O  O     . HOH D 3 .  ? 1.082   -7.908  -13.400 0.50 52.09 ? 1045 HOH B O     1 
HETATM 564 O  O     . HOH D 3 .  ? 6.610   4.376   -5.298  0.50 50.80 ? 1046 HOH B O     1 
HETATM 565 O  O     . HOH D 3 .  ? 10.524  11.106  3.218   0.50 46.78 ? 1047 HOH B O     1 
HETATM 566 O  O     . HOH D 3 .  ? -11.257 -13.785 -5.413  1.00 79.65 ? 1049 HOH B O     1 
HETATM 567 O  O     . HOH D 3 .  ? 5.854   -0.471  3.889   0.50 41.42 ? 1051 HOH B O     1 
HETATM 568 O  O     . HOH D 3 .  ? -4.438  22.511  4.595   0.50 40.39 ? 1054 HOH B O     1 
HETATM 569 O  O     . HOH D 3 .  ? 3.778   -11.817 6.283   0.50 56.40 ? 1059 HOH B O     1 
HETATM 570 O  O     . HOH D 3 .  ? -7.835  -6.301  -7.820  0.50 49.21 ? 1061 HOH B O     1 
HETATM 571 O  O     . HOH D 3 .  ? 0.621   18.653  8.579   0.50 50.74 ? 1062 HOH B O     1 
HETATM 572 O  O     . HOH D 3 .  ? -3.474  20.535  2.916   1.00 68.19 ? 1064 HOH B O     1 
HETATM 573 O  O     . HOH D 3 .  ? -3.284  -6.731  4.595   0.50 32.61 ? 1067 HOH B O     1 
HETATM 574 O  O     . HOH D 3 .  ? -5.913  -14.461 -19.048 0.50 34.83 ? 1068 HOH B O     1 
HETATM 575 O  O     . HOH D 3 .  ? -9.882  -8.300  -4.488  0.50 42.81 ? 1069 HOH B O     1 
HETATM 576 O  O     . HOH D 3 .  ? -7.432  -8.314  -15.874 0.50 45.84 ? 1070 HOH B O     1 
HETATM 577 O  O     . HOH D 3 .  ? -4.716  -3.177  -1.445  0.50 29.08 ? 1071 HOH B O     1 
HETATM 578 O  O     . HOH D 3 .  ? -7.236  -5.163  -4.097  0.50 64.64 ? 1073 HOH B O     1 
HETATM 579 O  O     . HOH D 3 .  ? -5.598  -2.368  3.945   1.00 55.32 ? 1074 HOH B O     1 
HETATM 580 O  O     . HOH D 3 .  ? -0.219  7.815   -2.241  0.50 40.27 ? 1077 HOH B O     1 
HETATM 581 O  O     . HOH D 3 .  ? -7.789  -0.679  1.376   0.50 48.27 ? 1080 HOH B O     1 
HETATM 582 O  O     . HOH D 3 .  ? -12.998 19.763  5.113   0.50 38.18 ? 1085 HOH B O     1 
HETATM 583 O  O     . HOH D 3 .  ? 0.288   -7.760  8.274   0.50 51.49 ? 1086 HOH B O     1 
HETATM 584 O  O     . HOH D 3 .  ? 13.576  2.759   -3.664  0.50 45.03 ? 1088 HOH B O     1 
HETATM 585 O  O     . HOH D 3 .  ? -6.115  -7.464  -10.469 0.50 50.49 ? 1089 HOH B O     1 
HETATM 586 O  O     . HOH D 3 .  ? -0.511  -0.902  6.914   0.50 32.55 ? 1091 HOH B O     1 
HETATM 587 O  O     . HOH D 3 .  ? -7.820  -7.837  -18.806 0.50 41.81 ? 1097 HOH B O     1 
HETATM 588 O  O     . HOH D 3 .  ? -11.169 19.778  3.886   0.50 31.47 ? 1099 HOH B O     1 
HETATM 589 O  O     . HOH D 3 .  ? -4.081  -5.744  7.900   0.50 55.91 ? 1100 HOH B O     1 
HETATM 590 O  O     . HOH D 3 .  ? 9.500   -2.000  5.328   0.50 47.57 ? 1101 HOH B O     1 
HETATM 591 O  O     . HOH D 3 .  ? 11.521  -2.250  2.843   0.50 72.19 ? 1103 HOH B O     1 
HETATM 592 O  O     . HOH D 3 .  ? -3.753  10.506  -0.123  0.50 42.24 ? 1104 HOH B O     1 
# 
